data_4EAN
#
_entry.id   4EAN
#
_cell.length_a   167.544
_cell.length_b   167.544
_cell.length_c   95.232
_cell.angle_alpha   90.000
_cell.angle_beta   90.000
_cell.angle_gamma   120.000
#
_symmetry.space_group_name_H-M   'P 31 2 1'
#
loop_
_entity.id
_entity.type
_entity.pdbx_description
1 polymer Beta-galactosidase
2 non-polymer 'CHLORIDE ION'
3 non-polymer INDOLE
4 non-polymer (4S)-2-METHYL-2,4-PENTANEDIOL
5 water water
#
_entity_poly.entity_id   1
_entity_poly.type   'polypeptide(L)'
_entity_poly.pdbx_seq_one_letter_code
;MYSFPNSFRFGWSQAGFQSEMGTPGSEDPNTDGYKWVHDPENMAAGLVSGDLPENGPGYWGNYKTFHDNAQKMGLKIARL
NVEWSRIFPNPLPRPQNFDESKQDVTEVEINENELKRLDEYANKDALNHYREIFKDLKSRGLYFILNMYHWPLPLWLHDP
IRVRRGDFTGPSGWLSTRTVYEFARFSAYIAWKFDDLVDEYSTMNEPNVVGGLGYVGVKSGFPPGYLSFELSRRAMYNII
QAHARAYDGIKSVSKKPVGIIYANSSFQPLTDKDMEAVEMAENDNRWWFFDAIIRGEITRGNEKIVRDDLKGRLDWIGVN
YYTRTVVKRTEKGYVSLGGYGHGCERNSVSLAGLPTSDFGWEFFPEGLYDVLTKYWNRYHLYMYVTENGIADDADYQRPY
YLVSHVYQVHRAINSGADVRGYLHWSLADNYEWASGFSMRFGLLKVDYNTKRLYWRPSALVYREIATNGAITDEIEHLNS
VPPVKPLRH
;
_entity_poly.pdbx_strand_id   A,B
#
loop_
_chem_comp.id
_chem_comp.type
_chem_comp.name
_chem_comp.formula
CL non-polymer 'CHLORIDE ION' 'Cl -1'
IND non-polymer INDOLE 'C8 H7 N'
MPD non-polymer (4S)-2-METHYL-2,4-PENTANEDIOL 'C6 H14 O2'
#
# COMPACT_ATOMS: atom_id res chain seq x y z
N MET A 1 18.69 -12.11 -24.95
CA MET A 1 17.44 -12.83 -25.32
C MET A 1 17.43 -14.17 -24.60
N TYR A 2 16.25 -14.72 -24.40
CA TYR A 2 16.10 -16.07 -23.83
C TYR A 2 15.47 -16.94 -24.91
N SER A 3 16.29 -17.77 -25.52
CA SER A 3 15.91 -18.56 -26.70
C SER A 3 15.48 -19.94 -26.28
N PHE A 4 14.57 -20.53 -27.04
CA PHE A 4 14.02 -21.85 -26.69
C PHE A 4 14.46 -22.86 -27.72
N PRO A 5 14.43 -24.15 -27.38
CA PRO A 5 14.82 -25.19 -28.32
C PRO A 5 14.00 -25.02 -29.60
N ASN A 6 14.54 -25.46 -30.75
CA ASN A 6 13.83 -25.28 -32.02
C ASN A 6 12.53 -26.07 -32.10
N SER A 7 12.42 -27.14 -31.32
CA SER A 7 11.19 -27.96 -31.23
C SER A 7 10.16 -27.45 -30.22
N PHE A 8 10.55 -26.54 -29.35
CA PHE A 8 9.65 -25.98 -28.33
C PHE A 8 8.53 -25.16 -28.98
N ARG A 9 7.30 -25.35 -28.56
CA ARG A 9 6.17 -24.68 -29.19
C ARG A 9 5.42 -23.78 -28.22
N PHE A 10 5.10 -22.57 -28.66
CA PHE A 10 4.22 -21.65 -27.94
C PHE A 10 2.82 -21.72 -28.50
N GLY A 11 1.84 -21.72 -27.61
CA GLY A 11 0.47 -21.75 -28.07
C GLY A 11 -0.52 -21.42 -27.00
N TRP A 12 -1.66 -22.09 -27.03
CA TRP A 12 -2.72 -21.79 -26.07
C TRP A 12 -3.57 -22.99 -25.75
N SER A 13 -4.27 -22.89 -24.60
CA SER A 13 -5.27 -23.87 -24.19
C SER A 13 -6.64 -23.21 -24.07
N GLN A 14 -7.66 -24.06 -24.25
CA GLN A 14 -9.01 -23.63 -24.30
C GLN A 14 -9.88 -24.80 -23.87
N ALA A 15 -11.04 -24.51 -23.31
CA ALA A 15 -12.02 -25.56 -22.96
C ALA A 15 -13.35 -25.42 -23.71
N GLY A 16 -14.04 -26.53 -23.89
CA GLY A 16 -15.25 -26.51 -24.71
C GLY A 16 -16.38 -25.73 -24.05
N PHE A 17 -16.70 -26.09 -22.81
CA PHE A 17 -17.80 -25.43 -22.11
C PHE A 17 -17.57 -23.93 -21.98
N GLN A 18 -16.31 -23.52 -21.85
CA GLN A 18 -16.03 -22.13 -21.57
C GLN A 18 -16.02 -21.24 -22.83
N SER A 19 -15.69 -21.84 -23.98
CA SER A 19 -15.52 -21.06 -25.20
C SER A 19 -16.46 -21.42 -26.36
N GLU A 20 -17.03 -22.62 -26.37
CA GLU A 20 -17.75 -23.06 -27.58
C GLU A 20 -19.03 -22.28 -27.87
N MET A 21 -19.87 -22.08 -26.87
CA MET A 21 -21.20 -21.54 -27.13
C MET A 21 -21.16 -20.03 -27.37
N GLY A 22 -22.19 -19.53 -28.05
CA GLY A 22 -22.33 -18.12 -28.35
C GLY A 22 -22.75 -17.87 -29.80
N THR A 23 -22.74 -18.93 -30.62
CA THR A 23 -23.12 -18.82 -32.01
C THR A 23 -24.29 -19.75 -32.37
N PRO A 24 -24.93 -19.52 -33.51
CA PRO A 24 -26.10 -20.34 -33.85
C PRO A 24 -25.86 -21.84 -33.87
N GLY A 25 -26.82 -22.59 -33.33
CA GLY A 25 -26.74 -24.03 -33.27
C GLY A 25 -25.72 -24.59 -32.29
N SER A 26 -25.13 -23.74 -31.43
CA SER A 26 -24.02 -24.19 -30.59
C SER A 26 -24.42 -24.62 -29.19
N GLU A 27 -25.63 -24.31 -28.77
CA GLU A 27 -25.99 -24.51 -27.36
C GLU A 27 -25.98 -26.01 -27.00
N ASP A 28 -25.38 -26.34 -25.86
CA ASP A 28 -25.33 -27.73 -25.38
C ASP A 28 -25.96 -27.78 -24.01
N PRO A 29 -27.25 -28.09 -23.96
CA PRO A 29 -27.94 -28.07 -22.68
C PRO A 29 -27.81 -29.37 -21.91
N ASN A 30 -27.02 -30.31 -22.42
CA ASN A 30 -27.05 -31.67 -21.89
C ASN A 30 -25.92 -32.04 -20.93
N THR A 31 -25.46 -31.07 -20.13
CA THR A 31 -24.42 -31.36 -19.13
C THR A 31 -24.86 -31.00 -17.70
N ASP A 32 -24.22 -31.61 -16.73
CA ASP A 32 -24.34 -31.13 -15.37
C ASP A 32 -24.05 -29.64 -15.27
N GLY A 33 -23.00 -29.17 -15.95
CA GLY A 33 -22.60 -27.79 -15.85
C GLY A 33 -23.67 -26.83 -16.35
N TYR A 34 -24.30 -27.15 -17.47
CA TYR A 34 -25.35 -26.27 -18.00
C TYR A 34 -26.50 -26.20 -16.98
N LYS A 35 -26.90 -27.34 -16.43
CA LYS A 35 -28.01 -27.34 -15.49
C LYS A 35 -27.64 -26.51 -14.26
N TRP A 36 -26.41 -26.72 -13.82
CA TRP A 36 -25.90 -26.11 -12.60
C TRP A 36 -25.91 -24.58 -12.69
N VAL A 37 -25.43 -24.03 -13.80
CA VAL A 37 -25.30 -22.56 -13.88
C VAL A 37 -26.66 -21.88 -14.23
N HIS A 38 -27.63 -22.68 -14.65
CA HIS A 38 -28.98 -22.16 -14.91
C HIS A 38 -29.91 -22.31 -13.70
N ASP A 39 -29.45 -22.97 -12.65
CA ASP A 39 -30.34 -23.32 -11.55
C ASP A 39 -30.75 -22.09 -10.75
N PRO A 40 -32.05 -21.90 -10.58
CA PRO A 40 -32.54 -20.71 -9.87
C PRO A 40 -32.03 -20.61 -8.43
N GLU A 41 -32.02 -21.71 -7.68
CA GLU A 41 -31.49 -21.67 -6.33
C GLU A 41 -29.99 -21.34 -6.26
N ASN A 42 -29.18 -21.93 -7.13
CA ASN A 42 -27.78 -21.56 -7.23
C ASN A 42 -27.60 -20.07 -7.51
N MET A 43 -28.43 -19.51 -8.38
CA MET A 43 -28.30 -18.09 -8.71
C MET A 43 -28.67 -17.21 -7.53
N ALA A 44 -29.76 -17.57 -6.86
CA ALA A 44 -30.21 -16.82 -5.69
C ALA A 44 -29.20 -16.86 -4.53
N ALA A 45 -28.49 -17.98 -4.38
CA ALA A 45 -27.47 -18.15 -3.35
C ALA A 45 -26.15 -17.44 -3.73
N GLY A 46 -26.02 -17.00 -4.97
CA GLY A 46 -24.76 -16.47 -5.46
C GLY A 46 -23.64 -17.48 -5.66
N LEU A 47 -24.01 -18.77 -5.72
CA LEU A 47 -23.05 -19.82 -5.98
C LEU A 47 -22.54 -19.71 -7.44
N VAL A 48 -23.42 -19.30 -8.34
CA VAL A 48 -23.04 -19.01 -9.71
C VAL A 48 -23.40 -17.56 -10.04
N SER A 49 -22.76 -17.00 -11.05
CA SER A 49 -22.82 -15.55 -11.31
C SER A 49 -24.15 -15.08 -11.90
N GLY A 50 -24.91 -15.98 -12.52
CA GLY A 50 -26.07 -15.60 -13.30
C GLY A 50 -25.74 -15.44 -14.79
N ASP A 51 -24.47 -15.28 -15.13
CA ASP A 51 -24.04 -15.26 -16.53
C ASP A 51 -24.24 -16.67 -17.10
N LEU A 52 -24.52 -16.75 -18.39
CA LEU A 52 -24.87 -18.03 -18.99
C LEU A 52 -23.94 -18.33 -20.17
N PRO A 53 -23.48 -19.58 -20.27
CA PRO A 53 -22.45 -19.92 -21.26
C PRO A 53 -22.89 -19.74 -22.70
N GLU A 54 -24.20 -19.84 -22.96
CA GLU A 54 -24.71 -19.72 -24.32
C GLU A 54 -24.53 -18.31 -24.86
N ASN A 55 -24.13 -17.37 -23.99
CA ASN A 55 -23.81 -16.02 -24.41
C ASN A 55 -22.31 -15.80 -24.59
N GLY A 56 -21.56 -16.88 -24.69
CA GLY A 56 -20.11 -16.84 -24.74
C GLY A 56 -19.45 -16.47 -26.04
N PRO A 57 -18.16 -16.82 -26.15
CA PRO A 57 -17.37 -16.28 -27.27
C PRO A 57 -17.62 -16.92 -28.61
N GLY A 58 -18.29 -18.06 -28.67
CA GLY A 58 -18.74 -18.60 -29.96
C GLY A 58 -17.70 -19.32 -30.80
N TYR A 59 -16.78 -20.03 -30.16
CA TYR A 59 -15.79 -20.79 -30.90
C TYR A 59 -16.45 -21.83 -31.81
N TRP A 60 -17.58 -22.40 -31.39
CA TRP A 60 -18.24 -23.44 -32.20
C TRP A 60 -18.46 -22.94 -33.63
N GLY A 61 -18.82 -21.67 -33.76
CA GLY A 61 -19.11 -21.07 -35.05
C GLY A 61 -17.97 -20.23 -35.60
N ASN A 62 -17.17 -19.64 -34.69
CA ASN A 62 -16.17 -18.63 -35.11
C ASN A 62 -14.72 -19.14 -35.05
N TYR A 63 -14.55 -20.45 -34.95
CA TYR A 63 -13.24 -21.09 -34.82
C TYR A 63 -12.24 -20.65 -35.89
N LYS A 64 -12.70 -20.41 -37.11
CA LYS A 64 -11.76 -19.95 -38.15
C LYS A 64 -11.11 -18.61 -37.77
N THR A 65 -11.88 -17.74 -37.12
CA THR A 65 -11.38 -16.44 -36.72
C THR A 65 -10.41 -16.58 -35.54
N PHE A 66 -10.75 -17.42 -34.59
CA PHE A 66 -9.80 -17.75 -33.51
C PHE A 66 -8.50 -18.25 -34.14
N HIS A 67 -8.60 -19.23 -35.03
CA HIS A 67 -7.41 -19.83 -35.60
C HIS A 67 -6.59 -18.81 -36.42
N ASP A 68 -7.27 -17.96 -37.20
CA ASP A 68 -6.60 -16.91 -37.97
C ASP A 68 -5.76 -16.04 -37.01
N ASN A 69 -6.35 -15.64 -35.88
CA ASN A 69 -5.60 -14.80 -34.93
C ASN A 69 -4.42 -15.53 -34.30
N ALA A 70 -4.62 -16.80 -33.94
CA ALA A 70 -3.52 -17.61 -33.42
C ALA A 70 -2.42 -17.73 -34.46
N GLN A 71 -2.79 -17.95 -35.72
CA GLN A 71 -1.82 -18.12 -36.80
C GLN A 71 -1.01 -16.82 -36.95
N LYS A 72 -1.71 -15.69 -36.95
CA LYS A 72 -1.05 -14.38 -37.08
C LYS A 72 -0.14 -14.10 -35.89
N MET A 73 -0.49 -14.66 -34.75
CA MET A 73 0.27 -14.51 -33.53
C MET A 73 1.52 -15.40 -33.46
N GLY A 74 1.69 -16.25 -34.47
CA GLY A 74 2.82 -17.18 -34.51
C GLY A 74 2.69 -18.43 -33.66
N LEU A 75 1.49 -18.76 -33.21
CA LEU A 75 1.34 -19.88 -32.31
C LEU A 75 1.44 -21.19 -33.08
N LYS A 76 1.97 -22.20 -32.40
CA LYS A 76 2.30 -23.45 -33.06
C LYS A 76 1.74 -24.68 -32.38
N ILE A 77 0.99 -24.47 -31.31
CA ILE A 77 0.39 -25.58 -30.57
C ILE A 77 -0.91 -25.15 -29.91
N ALA A 78 -1.83 -26.11 -29.80
CA ALA A 78 -3.12 -25.86 -29.16
C ALA A 78 -3.56 -27.07 -28.40
N ARG A 79 -4.19 -26.83 -27.26
CA ARG A 79 -4.80 -27.86 -26.47
C ARG A 79 -6.28 -27.51 -26.30
N LEU A 80 -7.13 -28.41 -26.76
CA LEU A 80 -8.59 -28.21 -26.77
C LEU A 80 -9.22 -29.51 -26.29
N ASN A 81 -10.50 -29.50 -25.87
CA ASN A 81 -11.18 -30.76 -25.56
C ASN A 81 -12.42 -30.95 -26.39
N VAL A 82 -12.81 -32.22 -26.52
N VAL A 82 -12.86 -32.21 -26.49
CA VAL A 82 -14.16 -32.55 -26.92
CA VAL A 82 -14.17 -32.59 -27.02
C VAL A 82 -15.04 -32.56 -25.69
C VAL A 82 -15.15 -32.84 -25.87
N GLU A 83 -16.28 -32.14 -25.87
CA GLU A 83 -17.31 -32.27 -24.83
C GLU A 83 -18.09 -33.58 -25.01
N TRP A 84 -17.89 -34.46 -24.05
CA TRP A 84 -18.55 -35.78 -24.00
C TRP A 84 -20.04 -35.67 -24.31
N SER A 85 -20.67 -34.68 -23.70
CA SER A 85 -22.11 -34.42 -23.83
C SER A 85 -22.57 -34.16 -25.25
N ARG A 86 -21.72 -33.53 -26.06
CA ARG A 86 -22.04 -33.30 -27.47
C ARG A 86 -22.04 -34.59 -28.28
N ILE A 87 -21.13 -35.50 -27.95
CA ILE A 87 -20.99 -36.72 -28.73
C ILE A 87 -21.99 -37.79 -28.29
N PHE A 88 -22.27 -37.87 -26.98
CA PHE A 88 -23.24 -38.83 -26.43
C PHE A 88 -24.25 -38.11 -25.53
N PRO A 89 -25.19 -37.38 -26.13
CA PRO A 89 -26.14 -36.58 -25.34
C PRO A 89 -27.23 -37.41 -24.67
N ASN A 90 -27.37 -38.64 -25.14
CA ASN A 90 -28.45 -39.53 -24.73
C ASN A 90 -27.91 -40.66 -23.87
N PRO A 91 -28.73 -41.15 -22.94
CA PRO A 91 -28.33 -42.26 -22.06
C PRO A 91 -27.98 -43.51 -22.87
N LEU A 92 -26.87 -44.15 -22.51
CA LEU A 92 -26.54 -45.46 -23.05
C LEU A 92 -27.15 -46.52 -22.13
N PRO A 93 -27.55 -47.66 -22.70
CA PRO A 93 -28.05 -48.77 -21.87
C PRO A 93 -27.06 -49.15 -20.77
N ARG A 94 -27.54 -49.52 -19.60
CA ARG A 94 -26.64 -50.00 -18.55
C ARG A 94 -25.86 -51.20 -19.08
N PRO A 95 -24.57 -51.33 -18.72
CA PRO A 95 -23.73 -52.40 -19.24
C PRO A 95 -23.98 -53.74 -18.55
N PHE A 98 -21.46 -56.07 -15.80
CA PHE A 98 -20.76 -55.02 -15.06
C PHE A 98 -21.34 -54.86 -13.65
N ASP A 99 -20.47 -54.97 -12.65
CA ASP A 99 -20.87 -54.98 -11.24
C ASP A 99 -20.59 -53.62 -10.58
N GLU A 100 -21.66 -52.85 -10.36
CA GLU A 100 -21.53 -51.48 -9.90
C GLU A 100 -21.10 -51.39 -8.45
N SER A 101 -21.33 -52.46 -7.68
CA SER A 101 -20.96 -52.49 -6.27
C SER A 101 -19.46 -52.71 -6.12
N LYS A 102 -18.83 -53.24 -7.17
CA LYS A 102 -17.40 -53.45 -7.18
C LYS A 102 -16.70 -52.10 -7.12
N GLN A 103 -15.81 -51.94 -6.13
CA GLN A 103 -15.13 -50.67 -5.89
C GLN A 103 -14.04 -50.35 -6.90
N ASP A 104 -13.32 -51.38 -7.31
CA ASP A 104 -12.19 -51.21 -8.21
C ASP A 104 -12.61 -51.54 -9.62
N VAL A 105 -12.15 -50.72 -10.56
CA VAL A 105 -12.33 -50.98 -11.97
C VAL A 105 -10.93 -51.18 -12.55
N THR A 106 -10.54 -52.43 -12.77
CA THR A 106 -9.16 -52.75 -13.14
C THR A 106 -8.98 -52.94 -14.63
N GLU A 107 -10.08 -53.11 -15.34
CA GLU A 107 -10.04 -53.30 -16.76
C GLU A 107 -11.38 -52.88 -17.37
N VAL A 108 -11.32 -52.19 -18.49
CA VAL A 108 -12.49 -51.93 -19.29
C VAL A 108 -12.09 -52.37 -20.69
N GLU A 109 -12.71 -53.45 -21.16
CA GLU A 109 -12.34 -54.07 -22.43
C GLU A 109 -12.74 -53.19 -23.60
N ILE A 110 -11.79 -52.97 -24.51
CA ILE A 110 -12.05 -52.30 -25.77
C ILE A 110 -11.81 -53.24 -26.94
N ASN A 111 -12.77 -53.33 -27.86
CA ASN A 111 -12.55 -54.06 -29.11
C ASN A 111 -13.31 -53.41 -30.25
N GLU A 112 -13.00 -53.82 -31.48
CA GLU A 112 -13.60 -53.20 -32.66
C GLU A 112 -15.12 -53.28 -32.66
N ASN A 113 -15.69 -54.43 -32.29
CA ASN A 113 -17.15 -54.57 -32.26
C ASN A 113 -17.78 -53.58 -31.29
N GLU A 114 -17.16 -53.44 -30.12
CA GLU A 114 -17.70 -52.54 -29.11
C GLU A 114 -17.62 -51.09 -29.60
N LEU A 115 -16.50 -50.72 -30.20
CA LEU A 115 -16.34 -49.38 -30.77
C LEU A 115 -17.41 -49.13 -31.83
N LYS A 116 -17.67 -50.12 -32.69
CA LYS A 116 -18.68 -49.95 -33.72
C LYS A 116 -20.10 -49.78 -33.16
N ARG A 117 -20.40 -50.49 -32.08
CA ARG A 117 -21.70 -50.38 -31.41
C ARG A 117 -21.86 -49.01 -30.74
N LEU A 118 -20.79 -48.54 -30.11
CA LEU A 118 -20.79 -47.22 -29.50
C LEU A 118 -21.04 -46.19 -30.58
N ASP A 119 -20.47 -46.43 -31.75
CA ASP A 119 -20.56 -45.50 -32.86
C ASP A 119 -22.02 -45.29 -33.24
N GLU A 120 -22.85 -46.31 -33.05
CA GLU A 120 -24.26 -46.18 -33.43
C GLU A 120 -24.99 -45.16 -32.58
N TYR A 121 -24.49 -44.93 -31.37
CA TYR A 121 -25.13 -44.00 -30.44
C TYR A 121 -24.60 -42.57 -30.54
N ALA A 122 -23.48 -42.39 -31.23
CA ALA A 122 -22.83 -41.09 -31.29
C ALA A 122 -23.58 -40.07 -32.17
N ASN A 123 -23.58 -38.82 -31.73
CA ASN A 123 -24.10 -37.71 -32.50
C ASN A 123 -23.15 -37.36 -33.65
N LYS A 124 -23.56 -37.69 -34.88
CA LYS A 124 -22.72 -37.50 -36.05
C LYS A 124 -22.53 -36.05 -36.45
N ASP A 125 -23.52 -35.19 -36.20
CA ASP A 125 -23.36 -33.77 -36.49
C ASP A 125 -22.26 -33.17 -35.63
N ALA A 126 -22.22 -33.55 -34.35
CA ALA A 126 -21.20 -33.03 -33.46
C ALA A 126 -19.82 -33.55 -33.86
N LEU A 127 -19.73 -34.84 -34.17
CA LEU A 127 -18.45 -35.44 -34.54
C LEU A 127 -17.88 -34.76 -35.77
N ASN A 128 -18.74 -34.62 -36.78
CA ASN A 128 -18.36 -33.98 -38.03
C ASN A 128 -17.90 -32.54 -37.77
N HIS A 129 -18.60 -31.85 -36.90
CA HIS A 129 -18.28 -30.47 -36.64
C HIS A 129 -16.92 -30.33 -35.94
N TYR A 130 -16.66 -31.21 -34.95
CA TYR A 130 -15.32 -31.25 -34.34
C TYR A 130 -14.24 -31.60 -35.38
N ARG A 131 -14.53 -32.53 -36.30
CA ARG A 131 -13.56 -32.83 -37.35
C ARG A 131 -13.26 -31.58 -38.18
N GLU A 132 -14.30 -30.78 -38.47
CA GLU A 132 -14.07 -29.58 -39.28
C GLU A 132 -13.20 -28.58 -38.50
N ILE A 133 -13.49 -28.42 -37.21
CA ILE A 133 -12.70 -27.52 -36.37
C ILE A 133 -11.24 -27.98 -36.31
N PHE A 134 -11.03 -29.26 -36.03
CA PHE A 134 -9.67 -29.77 -35.82
C PHE A 134 -8.87 -29.82 -37.13
N LYS A 135 -9.56 -30.05 -38.25
CA LYS A 135 -8.90 -30.02 -39.56
C LYS A 135 -8.42 -28.61 -39.84
N ASP A 136 -9.25 -27.64 -39.52
CA ASP A 136 -8.87 -26.24 -39.75
C ASP A 136 -7.63 -25.88 -38.93
N LEU A 137 -7.61 -26.37 -37.69
CA LEU A 137 -6.51 -26.12 -36.77
C LEU A 137 -5.22 -26.73 -37.32
N LYS A 138 -5.28 -27.98 -37.76
CA LYS A 138 -4.10 -28.66 -38.27
CA LYS A 138 -4.10 -28.66 -38.28
C LYS A 138 -3.60 -27.98 -39.54
N SER A 139 -4.51 -27.36 -40.28
CA SER A 139 -4.15 -26.67 -41.51
C SER A 139 -3.39 -25.35 -41.26
N ARG A 140 -3.38 -24.87 -40.01
CA ARG A 140 -2.57 -23.71 -39.65
C ARG A 140 -1.15 -24.11 -39.24
N GLY A 141 -0.82 -25.40 -39.38
CA GLY A 141 0.45 -25.92 -38.90
C GLY A 141 0.53 -26.07 -37.39
N LEU A 142 -0.61 -26.03 -36.71
CA LEU A 142 -0.64 -26.16 -35.25
C LEU A 142 -0.58 -27.64 -34.81
N TYR A 143 0.33 -27.91 -33.88
CA TYR A 143 0.43 -29.19 -33.17
C TYR A 143 -0.77 -29.28 -32.23
N PHE A 144 -1.39 -30.45 -32.13
CA PHE A 144 -2.70 -30.59 -31.51
C PHE A 144 -2.66 -31.57 -30.32
N ILE A 145 -2.92 -31.05 -29.12
CA ILE A 145 -3.13 -31.90 -27.94
C ILE A 145 -4.63 -31.99 -27.69
N LEU A 146 -5.19 -33.18 -27.80
CA LEU A 146 -6.62 -33.39 -27.55
C LEU A 146 -6.84 -33.92 -26.14
N ASN A 147 -7.61 -33.16 -25.35
CA ASN A 147 -8.00 -33.53 -24.01
C ASN A 147 -9.43 -34.09 -24.01
N MET A 148 -9.67 -35.14 -23.24
CA MET A 148 -10.94 -35.83 -23.30
C MET A 148 -11.99 -35.22 -22.39
N TYR A 149 -11.57 -34.54 -21.33
CA TYR A 149 -12.49 -34.19 -20.27
C TYR A 149 -12.02 -32.92 -19.58
N HIS A 150 -12.90 -31.92 -19.54
CA HIS A 150 -12.61 -30.63 -18.89
C HIS A 150 -13.80 -30.14 -18.03
N TRP A 151 -14.36 -31.09 -17.26
CA TRP A 151 -15.29 -30.88 -16.10
C TRP A 151 -16.77 -31.25 -16.32
N PRO A 152 -17.43 -30.65 -17.34
CA PRO A 152 -18.83 -31.04 -17.46
C PRO A 152 -18.98 -32.50 -17.88
N LEU A 153 -19.97 -33.14 -17.29
CA LEU A 153 -20.35 -34.50 -17.60
C LEU A 153 -21.70 -34.48 -18.29
N PRO A 154 -21.95 -35.49 -19.13
CA PRO A 154 -23.33 -35.66 -19.62
C PRO A 154 -24.32 -35.74 -18.48
N LEU A 155 -25.44 -35.08 -18.65
CA LEU A 155 -26.47 -35.04 -17.63
C LEU A 155 -26.97 -36.43 -17.27
N TRP A 156 -26.92 -37.38 -18.21
CA TRP A 156 -27.38 -38.72 -17.92
C TRP A 156 -26.41 -39.51 -17.03
N LEU A 157 -25.23 -38.95 -16.79
CA LEU A 157 -24.26 -39.52 -15.85
C LEU A 157 -24.20 -38.75 -14.51
N HIS A 158 -24.72 -37.52 -14.50
CA HIS A 158 -24.66 -36.69 -13.30
C HIS A 158 -25.74 -35.60 -13.27
N ASP A 159 -26.72 -35.76 -12.37
CA ASP A 159 -27.68 -34.68 -12.08
C ASP A 159 -27.14 -34.00 -10.83
N PRO A 160 -26.53 -32.82 -11.00
CA PRO A 160 -25.86 -32.24 -9.85
C PRO A 160 -26.80 -31.58 -8.83
N ILE A 161 -28.01 -31.21 -9.24
CA ILE A 161 -28.93 -30.55 -8.32
C ILE A 161 -29.50 -31.60 -7.34
N ARG A 162 -29.79 -32.78 -7.84
CA ARG A 162 -30.23 -33.89 -7.01
C ARG A 162 -29.17 -34.23 -5.95
N VAL A 163 -27.90 -34.27 -6.35
CA VAL A 163 -26.83 -34.58 -5.42
C VAL A 163 -26.62 -33.43 -4.41
N ARG A 164 -26.73 -32.19 -4.88
CA ARG A 164 -26.61 -31.02 -4.01
C ARG A 164 -27.63 -31.13 -2.88
N ARG A 165 -28.82 -31.63 -3.23
CA ARG A 165 -29.92 -31.80 -2.28
C ARG A 165 -29.80 -33.02 -1.35
N GLY A 166 -28.74 -33.80 -1.53
CA GLY A 166 -28.45 -34.93 -0.67
C GLY A 166 -29.17 -36.20 -1.10
N ASP A 167 -29.67 -36.23 -2.34
CA ASP A 167 -30.32 -37.41 -2.90
C ASP A 167 -29.30 -38.13 -3.75
N PHE A 168 -28.92 -39.33 -3.31
CA PHE A 168 -27.91 -40.10 -4.01
C PHE A 168 -28.47 -41.28 -4.80
N THR A 169 -29.76 -41.20 -5.13
CA THR A 169 -30.44 -42.28 -5.87
C THR A 169 -30.43 -42.12 -7.39
N GLY A 170 -29.86 -41.02 -7.90
CA GLY A 170 -29.79 -40.78 -9.33
C GLY A 170 -28.38 -40.82 -9.89
N PRO A 171 -28.20 -40.30 -11.12
CA PRO A 171 -26.86 -40.28 -11.73
C PRO A 171 -25.93 -39.41 -10.88
N SER A 172 -24.84 -39.98 -10.36
CA SER A 172 -24.07 -39.28 -9.34
CA SER A 172 -24.04 -39.36 -9.32
C SER A 172 -22.63 -38.94 -9.74
N GLY A 173 -22.39 -38.87 -11.05
CA GLY A 173 -21.10 -38.42 -11.56
C GLY A 173 -19.92 -39.27 -11.11
N TRP A 174 -18.89 -38.62 -10.60
CA TRP A 174 -17.71 -39.35 -10.21
C TRP A 174 -17.86 -40.21 -8.95
N LEU A 175 -19.02 -40.15 -8.31
CA LEU A 175 -19.28 -41.02 -7.17
C LEU A 175 -19.68 -42.42 -7.64
N SER A 176 -19.81 -42.60 -8.96
CA SER A 176 -20.22 -43.90 -9.51
C SER A 176 -19.20 -44.51 -10.46
N THR A 177 -18.93 -45.81 -10.28
CA THR A 177 -18.05 -46.54 -11.18
C THR A 177 -18.64 -46.63 -12.58
N ARG A 178 -19.94 -46.41 -12.74
CA ARG A 178 -20.53 -46.38 -14.09
C ARG A 178 -19.86 -45.29 -14.93
N THR A 179 -19.56 -44.17 -14.29
CA THR A 179 -18.94 -43.04 -14.95
C THR A 179 -17.52 -43.40 -15.38
N VAL A 180 -16.85 -44.17 -14.53
CA VAL A 180 -15.49 -44.63 -14.80
C VAL A 180 -15.49 -45.52 -16.04
N TYR A 181 -16.37 -46.50 -16.03
CA TYR A 181 -16.58 -47.40 -17.13
C TYR A 181 -16.85 -46.64 -18.44
N GLU A 182 -17.76 -45.68 -18.41
CA GLU A 182 -18.20 -45.04 -19.65
C GLU A 182 -17.15 -44.08 -20.14
N PHE A 183 -16.41 -43.48 -19.20
CA PHE A 183 -15.37 -42.55 -19.58
C PHE A 183 -14.21 -43.26 -20.30
N ALA A 184 -13.83 -44.44 -19.82
CA ALA A 184 -12.82 -45.23 -20.51
C ALA A 184 -13.26 -45.54 -21.96
N ARG A 185 -14.52 -45.94 -22.13
CA ARG A 185 -15.06 -46.25 -23.46
C ARG A 185 -15.14 -45.00 -24.33
N PHE A 186 -15.55 -43.88 -23.73
CA PHE A 186 -15.62 -42.61 -24.44
C PHE A 186 -14.25 -42.19 -24.98
N SER A 187 -13.22 -42.27 -24.14
CA SER A 187 -11.85 -41.90 -24.52
C SER A 187 -11.30 -42.77 -25.66
N ALA A 188 -11.45 -44.09 -25.55
CA ALA A 188 -10.98 -44.99 -26.59
C ALA A 188 -11.69 -44.63 -27.89
N TYR A 189 -12.99 -44.35 -27.80
CA TYR A 189 -13.81 -44.04 -28.97
C TYR A 189 -13.34 -42.76 -29.66
N ILE A 190 -13.07 -41.73 -28.87
CA ILE A 190 -12.59 -40.49 -29.45
C ILE A 190 -11.22 -40.66 -30.11
N ALA A 191 -10.32 -41.40 -29.47
CA ALA A 191 -9.03 -41.67 -30.13
C ALA A 191 -9.21 -42.47 -31.43
N TRP A 192 -10.13 -43.42 -31.42
CA TRP A 192 -10.46 -44.22 -32.60
C TRP A 192 -10.96 -43.35 -33.75
N LYS A 193 -11.74 -42.33 -33.42
CA LYS A 193 -12.30 -41.47 -34.45
C LYS A 193 -11.35 -40.34 -34.91
N PHE A 194 -10.48 -39.84 -34.03
CA PHE A 194 -9.70 -38.65 -34.35
C PHE A 194 -8.17 -38.83 -34.40
N ASP A 195 -7.68 -40.05 -34.30
CA ASP A 195 -6.24 -40.27 -34.16
C ASP A 195 -5.44 -39.67 -35.31
N ASP A 196 -6.07 -39.59 -36.48
CA ASP A 196 -5.39 -39.06 -37.66
C ASP A 196 -5.06 -37.55 -37.54
N LEU A 197 -5.73 -36.85 -36.63
CA LEU A 197 -5.55 -35.39 -36.49
C LEU A 197 -4.77 -35.01 -35.23
N VAL A 198 -4.82 -35.92 -34.26
CA VAL A 198 -4.27 -35.65 -32.92
C VAL A 198 -2.77 -35.93 -32.89
N ASP A 199 -2.01 -35.06 -32.24
CA ASP A 199 -0.59 -35.35 -31.98
C ASP A 199 -0.32 -35.98 -30.60
N GLU A 200 -0.96 -35.46 -29.55
CA GLU A 200 -0.85 -36.07 -28.23
C GLU A 200 -2.19 -35.96 -27.53
N TYR A 201 -2.43 -36.87 -26.57
CA TYR A 201 -3.66 -36.90 -25.83
C TYR A 201 -3.44 -36.56 -24.35
N SER A 202 -4.46 -35.96 -23.75
CA SER A 202 -4.61 -35.89 -22.31
C SER A 202 -5.97 -36.50 -21.96
N THR A 203 -6.01 -37.29 -20.89
CA THR A 203 -7.28 -37.87 -20.46
C THR A 203 -8.17 -36.80 -19.83
N MET A 204 -7.59 -35.94 -19.00
CA MET A 204 -8.40 -35.00 -18.26
C MET A 204 -7.66 -33.76 -17.83
N ASN A 205 -8.45 -32.77 -17.44
CA ASN A 205 -7.93 -31.48 -17.02
C ASN A 205 -8.33 -31.24 -15.56
N GLU A 206 -7.32 -31.07 -14.70
CA GLU A 206 -7.51 -30.67 -13.30
C GLU A 206 -8.53 -31.55 -12.55
N PRO A 207 -8.27 -32.87 -12.53
CA PRO A 207 -9.11 -33.82 -11.80
C PRO A 207 -9.17 -33.50 -10.30
N ASN A 208 -8.09 -32.91 -9.77
CA ASN A 208 -8.05 -32.52 -8.36
C ASN A 208 -9.06 -31.43 -8.02
N VAL A 209 -9.38 -30.57 -8.99
CA VAL A 209 -10.36 -29.51 -8.78
C VAL A 209 -11.78 -30.10 -8.73
N VAL A 210 -12.02 -31.11 -9.56
CA VAL A 210 -13.32 -31.75 -9.60
C VAL A 210 -13.63 -32.32 -8.23
N GLY A 211 -12.69 -33.06 -7.68
CA GLY A 211 -12.86 -33.65 -6.36
C GLY A 211 -12.85 -32.63 -5.26
N GLY A 212 -11.88 -31.71 -5.32
CA GLY A 212 -11.67 -30.80 -4.23
C GLY A 212 -12.70 -29.71 -4.10
N LEU A 213 -13.06 -29.07 -5.21
CA LEU A 213 -14.04 -28.01 -5.16
C LEU A 213 -15.48 -28.54 -5.18
N GLY A 214 -15.71 -29.66 -5.86
CA GLY A 214 -17.06 -30.22 -5.94
C GLY A 214 -17.63 -30.70 -4.61
N TYR A 215 -16.77 -31.16 -3.71
CA TYR A 215 -17.21 -31.80 -2.46
C TYR A 215 -16.54 -31.23 -1.17
N VAL A 216 -15.66 -30.23 -1.30
CA VAL A 216 -15.08 -29.61 -0.12
C VAL A 216 -15.14 -28.09 -0.22
N GLY A 217 -14.55 -27.52 -1.28
CA GLY A 217 -14.58 -26.08 -1.50
C GLY A 217 -15.89 -25.60 -2.09
N VAL A 218 -16.98 -25.94 -1.41
CA VAL A 218 -18.31 -25.80 -1.97
C VAL A 218 -18.77 -24.34 -2.14
N LYS A 219 -18.12 -23.38 -1.51
CA LYS A 219 -18.45 -21.98 -1.75
C LYS A 219 -18.05 -21.55 -3.16
N SER A 220 -17.22 -22.38 -3.83
CA SER A 220 -16.69 -22.03 -5.14
C SER A 220 -17.73 -22.10 -6.25
N GLY A 221 -18.82 -22.83 -6.01
CA GLY A 221 -19.85 -22.98 -7.02
C GLY A 221 -19.56 -24.04 -8.06
N PHE A 222 -18.76 -25.03 -7.69
CA PHE A 222 -18.41 -26.15 -8.57
C PHE A 222 -19.38 -27.31 -8.26
N PRO A 223 -20.05 -27.88 -9.29
CA PRO A 223 -21.03 -28.96 -9.01
C PRO A 223 -20.38 -30.22 -8.42
N PRO A 224 -21.11 -30.96 -7.58
CA PRO A 224 -22.50 -30.74 -7.19
C PRO A 224 -22.64 -29.93 -5.90
N GLY A 225 -21.52 -29.40 -5.38
CA GLY A 225 -21.53 -28.60 -4.15
C GLY A 225 -22.07 -29.33 -2.92
N TYR A 226 -21.68 -30.59 -2.76
CA TYR A 226 -22.12 -31.40 -1.63
C TYR A 226 -20.91 -31.58 -0.73
N LEU A 227 -20.98 -30.96 0.45
CA LEU A 227 -19.85 -30.96 1.40
C LEU A 227 -19.67 -32.29 2.10
N SER A 228 -18.61 -32.98 1.74
CA SER A 228 -18.30 -34.29 2.29
C SER A 228 -16.87 -34.73 2.00
N PHE A 229 -16.07 -34.85 3.05
CA PHE A 229 -14.70 -35.33 2.95
C PHE A 229 -14.71 -36.74 2.33
N GLU A 230 -15.62 -37.59 2.82
CA GLU A 230 -15.68 -38.98 2.40
C GLU A 230 -15.96 -39.07 0.89
N LEU A 231 -16.95 -38.31 0.42
CA LEU A 231 -17.31 -38.36 -0.98
C LEU A 231 -16.24 -37.71 -1.88
N SER A 232 -15.55 -36.69 -1.38
CA SER A 232 -14.42 -36.11 -2.11
CA SER A 232 -14.44 -36.12 -2.14
C SER A 232 -13.38 -37.21 -2.39
N ARG A 233 -13.11 -38.03 -1.38
CA ARG A 233 -12.18 -39.14 -1.53
C ARG A 233 -12.69 -40.17 -2.52
N ARG A 234 -13.97 -40.50 -2.40
CA ARG A 234 -14.57 -41.46 -3.34
C ARG A 234 -14.46 -40.93 -4.78
N ALA A 235 -14.78 -39.65 -4.99
CA ALA A 235 -14.70 -39.09 -6.34
C ALA A 235 -13.26 -39.17 -6.89
N MET A 236 -12.29 -38.83 -6.06
CA MET A 236 -10.89 -38.84 -6.50
C MET A 236 -10.41 -40.26 -6.80
N TYR A 237 -10.80 -41.22 -5.97
CA TYR A 237 -10.42 -42.60 -6.22
C TYR A 237 -10.97 -43.04 -7.58
N ASN A 238 -12.24 -42.75 -7.83
CA ASN A 238 -12.82 -43.06 -9.13
C ASN A 238 -12.18 -42.30 -10.29
N ILE A 239 -11.83 -41.03 -10.07
CA ILE A 239 -11.29 -40.27 -11.18
C ILE A 239 -9.90 -40.83 -11.54
N ILE A 240 -9.18 -41.30 -10.53
CA ILE A 240 -7.88 -41.93 -10.73
C ILE A 240 -8.02 -43.24 -11.56
N GLN A 241 -8.95 -44.12 -11.22
CA GLN A 241 -9.06 -45.35 -12.03
C GLN A 241 -9.62 -45.03 -13.43
N ALA A 242 -10.45 -44.01 -13.52
CA ALA A 242 -10.96 -43.58 -14.82
C ALA A 242 -9.81 -43.09 -15.70
N HIS A 243 -8.87 -42.33 -15.13
CA HIS A 243 -7.68 -42.00 -15.92
C HIS A 243 -6.94 -43.25 -16.43
N ALA A 244 -6.71 -44.22 -15.54
CA ALA A 244 -5.94 -45.39 -15.92
C ALA A 244 -6.67 -46.20 -16.99
N ARG A 245 -7.99 -46.33 -16.86
CA ARG A 245 -8.77 -47.08 -17.84
C ARG A 245 -8.89 -46.34 -19.17
N ALA A 246 -8.92 -45.01 -19.13
CA ALA A 246 -8.88 -44.20 -20.35
C ALA A 246 -7.52 -44.30 -21.02
N TYR A 247 -6.44 -44.31 -20.24
CA TYR A 247 -5.09 -44.45 -20.80
C TYR A 247 -5.01 -45.77 -21.57
N ASP A 248 -5.41 -46.86 -20.92
CA ASP A 248 -5.39 -48.18 -21.54
C ASP A 248 -6.30 -48.21 -22.78
N GLY A 249 -7.45 -47.54 -22.69
CA GLY A 249 -8.39 -47.52 -23.79
C GLY A 249 -7.82 -46.82 -25.02
N ILE A 250 -7.24 -45.63 -24.82
CA ILE A 250 -6.61 -44.91 -25.92
C ILE A 250 -5.49 -45.74 -26.55
N LYS A 251 -4.67 -46.34 -25.70
CA LYS A 251 -3.53 -47.12 -26.18
C LYS A 251 -3.96 -48.40 -26.93
N SER A 252 -5.22 -48.82 -26.75
CA SER A 252 -5.71 -49.98 -27.48
C SER A 252 -5.98 -49.63 -28.94
N VAL A 253 -6.06 -48.34 -29.24
CA VAL A 253 -6.33 -47.88 -30.61
C VAL A 253 -5.30 -46.88 -31.15
N SER A 254 -4.37 -46.43 -30.32
CA SER A 254 -3.42 -45.41 -30.74
C SER A 254 -2.04 -45.67 -30.15
N LYS A 255 -1.01 -45.24 -30.86
CA LYS A 255 0.37 -45.34 -30.36
C LYS A 255 0.84 -44.01 -29.78
N LYS A 256 0.00 -42.98 -29.83
CA LYS A 256 0.46 -41.63 -29.49
C LYS A 256 0.54 -41.42 -27.98
N PRO A 257 1.31 -40.40 -27.54
CA PRO A 257 1.48 -40.18 -26.09
C PRO A 257 0.19 -39.78 -25.41
N VAL A 258 -0.01 -40.29 -24.20
CA VAL A 258 -1.19 -40.00 -23.38
C VAL A 258 -0.71 -39.50 -22.03
N GLY A 259 -1.16 -38.31 -21.68
CA GLY A 259 -0.78 -37.65 -20.44
C GLY A 259 -2.01 -37.22 -19.65
N ILE A 260 -1.80 -36.29 -18.73
CA ILE A 260 -2.86 -35.74 -17.91
C ILE A 260 -2.44 -34.32 -17.57
N ILE A 261 -3.44 -33.48 -17.35
CA ILE A 261 -3.26 -32.08 -17.04
C ILE A 261 -3.79 -31.82 -15.61
N TYR A 262 -3.02 -31.12 -14.79
CA TYR A 262 -3.32 -31.03 -13.34
C TYR A 262 -3.25 -29.60 -12.84
N ALA A 263 -4.04 -29.25 -11.82
CA ALA A 263 -4.00 -27.91 -11.26
C ALA A 263 -2.91 -27.83 -10.21
N ASN A 264 -1.87 -27.06 -10.51
CA ASN A 264 -0.74 -26.94 -9.60
C ASN A 264 -0.63 -25.62 -8.88
N SER A 265 -0.01 -25.68 -7.71
CA SER A 265 0.45 -24.49 -7.03
C SER A 265 1.88 -24.72 -6.56
N SER A 266 2.60 -23.64 -6.36
CA SER A 266 3.92 -23.71 -5.75
C SER A 266 3.77 -23.46 -4.26
N PHE A 267 4.05 -24.47 -3.46
CA PHE A 267 3.97 -24.33 -2.02
C PHE A 267 5.23 -23.73 -1.44
N GLN A 268 5.03 -22.62 -0.72
CA GLN A 268 6.13 -21.80 -0.25
C GLN A 268 6.01 -21.62 1.26
N PRO A 269 7.16 -21.64 1.98
CA PRO A 269 7.17 -21.53 3.44
C PRO A 269 6.95 -20.11 3.92
N LEU A 270 6.08 -19.93 4.92
CA LEU A 270 5.89 -18.61 5.52
C LEU A 270 7.22 -18.14 6.14
N THR A 271 7.89 -19.05 6.86
CA THR A 271 9.19 -18.75 7.46
C THR A 271 10.15 -19.92 7.20
N ASP A 272 11.39 -19.77 7.62
CA ASP A 272 12.41 -20.79 7.37
C ASP A 272 12.21 -22.03 8.24
N LYS A 273 11.27 -21.97 9.18
CA LYS A 273 10.92 -23.15 9.96
C LYS A 273 9.82 -23.98 9.31
N ASP A 274 9.32 -23.56 8.15
CA ASP A 274 8.12 -24.19 7.61
C ASP A 274 8.36 -25.11 6.40
N MET A 275 9.59 -25.58 6.23
CA MET A 275 9.87 -26.43 5.06
C MET A 275 9.16 -27.78 5.16
N GLU A 276 8.97 -28.29 6.37
CA GLU A 276 8.22 -29.53 6.53
C GLU A 276 6.77 -29.33 6.10
N ALA A 277 6.24 -28.13 6.33
CA ALA A 277 4.89 -27.83 5.90
C ALA A 277 4.80 -27.86 4.41
N VAL A 278 5.84 -27.35 3.75
CA VAL A 278 5.85 -27.39 2.30
C VAL A 278 5.81 -28.82 1.77
N GLU A 279 6.63 -29.69 2.32
CA GLU A 279 6.67 -31.09 1.90
C GLU A 279 5.33 -31.78 2.12
N MET A 280 4.69 -31.49 3.25
CA MET A 280 3.39 -32.09 3.53
C MET A 280 2.37 -31.63 2.52
N ALA A 281 2.39 -30.34 2.19
CA ALA A 281 1.45 -29.77 1.25
C ALA A 281 1.64 -30.36 -0.15
N GLU A 282 2.89 -30.57 -0.55
CA GLU A 282 3.18 -31.19 -1.83
C GLU A 282 2.72 -32.65 -1.86
N ASN A 283 2.95 -33.38 -0.78
CA ASN A 283 2.43 -34.74 -0.69
C ASN A 283 0.92 -34.75 -0.82
N ASP A 284 0.25 -33.83 -0.15
CA ASP A 284 -1.20 -33.89 -0.04
C ASP A 284 -1.95 -33.33 -1.24
N ASN A 285 -1.28 -32.50 -2.05
CA ASN A 285 -1.95 -31.87 -3.18
C ASN A 285 -1.49 -32.39 -4.52
N ARG A 286 -0.30 -33.01 -4.54
CA ARG A 286 0.36 -33.36 -5.79
C ARG A 286 0.85 -34.81 -5.84
N TRP A 287 1.75 -35.18 -4.94
CA TRP A 287 2.42 -36.46 -5.05
C TRP A 287 1.49 -37.64 -4.84
N TRP A 288 0.48 -37.52 -3.97
CA TRP A 288 -0.43 -38.67 -3.74
C TRP A 288 -1.09 -39.08 -5.06
N PHE A 289 -1.46 -38.10 -5.86
CA PHE A 289 -2.17 -38.37 -7.11
C PHE A 289 -1.24 -38.97 -8.19
N PHE A 290 -0.09 -38.36 -8.38
CA PHE A 290 0.82 -38.85 -9.41
C PHE A 290 1.52 -40.14 -9.02
N ASP A 291 1.83 -40.31 -7.74
CA ASP A 291 2.31 -41.60 -7.27
C ASP A 291 1.33 -42.73 -7.60
N ALA A 292 0.02 -42.43 -7.55
CA ALA A 292 -0.99 -43.42 -7.91
C ALA A 292 -0.98 -43.78 -9.40
N ILE A 293 -0.93 -42.78 -10.28
CA ILE A 293 -1.06 -43.11 -11.71
C ILE A 293 0.28 -43.40 -12.40
N ILE A 294 1.37 -43.11 -11.73
CA ILE A 294 2.70 -43.39 -12.27
C ILE A 294 3.29 -44.64 -11.61
N ARG A 295 3.17 -44.73 -10.29
CA ARG A 295 3.78 -45.80 -9.53
C ARG A 295 2.76 -46.84 -9.06
N GLY A 296 1.47 -46.52 -9.22
CA GLY A 296 0.41 -47.44 -8.87
C GLY A 296 0.12 -47.46 -7.39
N GLU A 297 0.69 -46.49 -6.68
CA GLU A 297 0.67 -46.48 -5.22
C GLU A 297 -0.61 -45.82 -4.71
N ILE A 298 -1.43 -46.60 -4.02
CA ILE A 298 -2.64 -46.06 -3.39
C ILE A 298 -2.75 -46.57 -1.98
N THR A 299 -3.68 -46.00 -1.24
CA THR A 299 -3.88 -46.38 0.15
C THR A 299 -5.20 -47.12 0.31
N ARG A 300 -5.11 -48.33 0.87
CA ARG A 300 -6.28 -49.16 1.15
C ARG A 300 -6.24 -49.68 2.59
N LYS A 304 -1.32 -48.84 2.41
CA LYS A 304 -0.41 -48.55 1.28
C LYS A 304 -0.14 -49.79 0.43
N ILE A 305 -0.56 -49.76 -0.83
CA ILE A 305 -0.37 -50.90 -1.74
C ILE A 305 -0.03 -50.42 -3.16
N VAL A 306 0.38 -51.37 -4.02
CA VAL A 306 0.58 -51.09 -5.44
C VAL A 306 -0.48 -51.81 -6.27
N ARG A 307 -1.18 -51.05 -7.12
CA ARG A 307 -2.15 -51.64 -8.03
C ARG A 307 -1.54 -51.75 -9.42
N ASP A 308 -1.35 -52.98 -9.88
CA ASP A 308 -0.66 -53.21 -11.14
C ASP A 308 -1.43 -52.62 -12.30
N ASP A 309 -2.72 -52.44 -12.13
CA ASP A 309 -3.53 -51.85 -13.18
C ASP A 309 -3.45 -50.32 -13.21
N LEU A 310 -2.83 -49.71 -12.20
CA LEU A 310 -2.67 -48.26 -12.19
C LEU A 310 -1.26 -47.79 -12.59
N LYS A 311 -0.28 -48.65 -12.34
CA LYS A 311 1.12 -48.31 -12.51
C LYS A 311 1.48 -48.07 -13.99
N GLY A 312 2.25 -47.01 -14.26
CA GLY A 312 2.79 -46.77 -15.59
C GLY A 312 1.81 -46.18 -16.59
N ARG A 313 0.65 -45.73 -16.12
CA ARG A 313 -0.34 -45.13 -17.00
C ARG A 313 -0.14 -43.62 -17.18
N LEU A 314 1.04 -43.20 -17.62
CA LEU A 314 1.27 -41.79 -17.93
C LEU A 314 2.52 -41.58 -18.78
N ASP A 315 2.38 -40.82 -19.87
CA ASP A 315 3.51 -40.54 -20.75
C ASP A 315 4.07 -39.14 -20.55
N TRP A 316 3.22 -38.21 -20.10
CA TRP A 316 3.62 -36.80 -19.95
C TRP A 316 2.72 -36.09 -18.95
N ILE A 317 3.18 -34.92 -18.50
CA ILE A 317 2.48 -34.19 -17.44
C ILE A 317 2.22 -32.77 -17.91
N GLY A 318 0.97 -32.33 -17.75
CA GLY A 318 0.57 -30.99 -18.15
C GLY A 318 0.43 -30.16 -16.90
N VAL A 319 1.25 -29.12 -16.81
CA VAL A 319 1.28 -28.26 -15.65
C VAL A 319 0.41 -27.03 -15.89
N ASN A 320 -0.62 -26.89 -15.06
CA ASN A 320 -1.41 -25.67 -15.03
C ASN A 320 -0.98 -24.87 -13.80
N TYR A 321 -0.45 -23.68 -14.00
CA TYR A 321 0.10 -22.89 -12.89
C TYR A 321 -0.36 -21.44 -13.00
N TYR A 322 -0.86 -20.91 -11.90
CA TYR A 322 -1.26 -19.50 -11.84
C TYR A 322 -0.56 -18.71 -10.74
N THR A 323 -0.37 -19.32 -9.57
CA THR A 323 0.20 -18.62 -8.41
C THR A 323 0.64 -19.60 -7.33
N ARG A 324 1.19 -19.08 -6.22
CA ARG A 324 1.71 -19.90 -5.16
C ARG A 324 0.66 -20.14 -4.08
N THR A 325 1.04 -20.93 -3.07
CA THR A 325 0.26 -21.09 -1.86
C THR A 325 1.26 -21.03 -0.72
N VAL A 326 1.08 -20.10 0.20
CA VAL A 326 1.98 -19.98 1.35
C VAL A 326 1.43 -20.82 2.53
N VAL A 327 2.33 -21.58 3.15
CA VAL A 327 1.89 -22.49 4.20
C VAL A 327 2.77 -22.41 5.45
N LYS A 328 2.23 -22.84 6.57
CA LYS A 328 3.00 -22.85 7.80
C LYS A 328 2.67 -24.11 8.55
N ARG A 329 3.68 -24.59 9.27
CA ARG A 329 3.58 -25.77 10.10
C ARG A 329 2.67 -25.44 11.25
N THR A 330 1.79 -26.37 11.57
CA THR A 330 0.95 -26.25 12.75
CA THR A 330 0.92 -26.26 12.73
C THR A 330 1.07 -27.53 13.57
N GLU A 331 0.38 -27.60 14.69
CA GLU A 331 0.50 -28.77 15.56
C GLU A 331 0.01 -30.00 14.82
N LYS A 332 -1.17 -29.88 14.22
CA LYS A 332 -1.81 -31.00 13.52
C LYS A 332 -1.36 -31.19 12.07
N GLY A 333 -0.39 -30.42 11.59
CA GLY A 333 0.08 -30.54 10.22
C GLY A 333 0.52 -29.22 9.59
N TYR A 334 -0.29 -28.69 8.68
CA TYR A 334 -0.01 -27.38 8.11
C TYR A 334 -1.30 -26.66 7.76
N VAL A 335 -1.21 -25.35 7.57
CA VAL A 335 -2.31 -24.60 7.03
C VAL A 335 -1.82 -23.62 5.95
N SER A 336 -2.67 -23.34 4.98
CA SER A 336 -2.39 -22.30 4.00
CA SER A 336 -2.42 -22.29 3.99
C SER A 336 -2.86 -20.95 4.55
N LEU A 337 -2.16 -19.88 4.17
CA LEU A 337 -2.44 -18.54 4.68
CA LEU A 337 -2.42 -18.53 4.69
C LEU A 337 -3.13 -17.64 3.69
N GLY A 338 -4.17 -16.95 4.17
CA GLY A 338 -4.83 -15.95 3.36
C GLY A 338 -3.88 -14.77 3.18
N GLY A 339 -4.11 -13.98 2.15
CA GLY A 339 -3.30 -12.80 1.91
C GLY A 339 -2.10 -13.08 1.03
N TYR A 340 -1.97 -14.32 0.57
CA TYR A 340 -0.95 -14.72 -0.40
C TYR A 340 -1.61 -15.61 -1.43
N GLY A 341 -0.96 -15.78 -2.56
CA GLY A 341 -1.35 -16.78 -3.54
C GLY A 341 -2.72 -16.54 -4.13
N HIS A 342 -3.59 -17.56 -4.07
CA HIS A 342 -4.93 -17.36 -4.64
CA HIS A 342 -4.95 -17.54 -4.59
C HIS A 342 -5.92 -16.81 -3.63
N GLY A 343 -5.46 -16.48 -2.42
CA GLY A 343 -6.34 -15.98 -1.38
C GLY A 343 -6.14 -14.50 -1.00
N CYS A 344 -5.93 -13.66 -2.01
CA CYS A 344 -5.70 -12.23 -1.81
C CYS A 344 -6.91 -11.40 -2.21
N GLU A 345 -6.88 -10.12 -1.86
CA GLU A 345 -7.94 -9.25 -2.33
C GLU A 345 -7.73 -9.04 -3.80
N ARG A 346 -8.81 -8.75 -4.50
CA ARG A 346 -8.74 -8.45 -5.93
C ARG A 346 -8.11 -7.07 -6.17
N ASN A 347 -7.32 -6.96 -7.24
CA ASN A 347 -6.74 -5.69 -7.63
C ASN A 347 -6.14 -4.94 -6.45
N SER A 348 -5.19 -5.61 -5.80
CA SER A 348 -4.55 -5.05 -4.62
C SER A 348 -3.11 -5.54 -4.56
N VAL A 349 -2.60 -5.67 -3.34
CA VAL A 349 -1.30 -6.28 -3.08
C VAL A 349 -1.47 -7.36 -2.04
N SER A 350 -0.65 -8.38 -2.15
CA SER A 350 -0.57 -9.41 -1.12
C SER A 350 0.15 -8.90 0.10
N LEU A 351 0.19 -9.74 1.11
CA LEU A 351 0.90 -9.45 2.33
C LEU A 351 2.41 -9.36 2.10
N ALA A 352 2.87 -9.89 0.97
CA ALA A 352 4.26 -9.77 0.56
C ALA A 352 4.52 -8.53 -0.32
N GLY A 353 3.49 -7.73 -0.59
CA GLY A 353 3.65 -6.55 -1.43
C GLY A 353 3.67 -6.80 -2.94
N LEU A 354 3.23 -7.98 -3.34
CA LEU A 354 3.18 -8.34 -4.74
C LEU A 354 1.77 -8.07 -5.31
N PRO A 355 1.69 -7.62 -6.59
CA PRO A 355 0.37 -7.22 -7.08
C PRO A 355 -0.54 -8.41 -7.30
N THR A 356 -1.84 -8.22 -7.13
CA THR A 356 -2.83 -9.27 -7.35
C THR A 356 -3.71 -8.94 -8.56
N SER A 357 -4.26 -10.00 -9.15
CA SER A 357 -5.02 -9.88 -10.37
C SER A 357 -6.47 -9.48 -10.09
N ASP A 358 -7.26 -9.39 -11.17
CA ASP A 358 -8.69 -9.18 -11.05
C ASP A 358 -9.36 -10.31 -10.22
N PHE A 359 -8.73 -11.48 -10.15
CA PHE A 359 -9.27 -12.65 -9.43
C PHE A 359 -8.73 -12.70 -7.96
N GLY A 360 -7.85 -11.78 -7.60
CA GLY A 360 -7.17 -11.86 -6.31
C GLY A 360 -6.00 -12.84 -6.23
N TRP A 361 -5.32 -13.11 -7.35
CA TRP A 361 -4.25 -14.10 -7.38
C TRP A 361 -2.93 -13.33 -7.46
N GLU A 362 -2.00 -13.73 -6.61
CA GLU A 362 -0.72 -13.04 -6.46
C GLU A 362 0.23 -13.32 -7.61
N PHE A 363 0.97 -12.28 -8.02
CA PHE A 363 2.04 -12.39 -9.02
C PHE A 363 3.22 -13.18 -8.45
N PHE A 364 3.44 -14.38 -8.95
CA PHE A 364 4.54 -15.20 -8.42
C PHE A 364 5.15 -16.17 -9.44
N PRO A 365 5.84 -15.62 -10.44
CA PRO A 365 6.33 -16.50 -11.50
C PRO A 365 7.38 -17.54 -11.07
N GLU A 366 8.13 -17.27 -10.01
CA GLU A 366 9.14 -18.23 -9.56
C GLU A 366 8.53 -19.58 -9.26
N GLY A 367 7.26 -19.59 -8.86
CA GLY A 367 6.62 -20.85 -8.54
C GLY A 367 6.52 -21.79 -9.72
N LEU A 368 6.50 -21.26 -10.95
CA LEU A 368 6.42 -22.16 -12.11
C LEU A 368 7.73 -22.97 -12.26
N TYR A 369 8.87 -22.33 -12.03
CA TYR A 369 10.14 -23.04 -12.04
C TYR A 369 10.11 -24.12 -10.97
N ASP A 370 9.59 -23.78 -9.79
CA ASP A 370 9.53 -24.74 -8.68
C ASP A 370 8.76 -25.98 -9.11
N VAL A 371 7.55 -25.78 -9.64
CA VAL A 371 6.67 -26.90 -9.99
C VAL A 371 7.28 -27.73 -11.10
N LEU A 372 7.81 -27.09 -12.14
CA LEU A 372 8.39 -27.86 -13.25
C LEU A 372 9.55 -28.71 -12.76
N THR A 373 10.46 -28.11 -12.01
CA THR A 373 11.65 -28.84 -11.58
C THR A 373 11.32 -29.93 -10.56
N LYS A 374 10.31 -29.68 -9.73
CA LYS A 374 9.87 -30.69 -8.76
C LYS A 374 9.36 -31.96 -9.44
N TYR A 375 8.49 -31.81 -10.44
CA TYR A 375 7.97 -32.96 -11.19
C TYR A 375 9.08 -33.68 -11.91
N TRP A 376 9.98 -32.91 -12.53
CA TRP A 376 11.08 -33.49 -13.28
C TRP A 376 11.93 -34.36 -12.38
N ASN A 377 12.32 -33.80 -11.23
CA ASN A 377 13.19 -34.52 -10.33
C ASN A 377 12.57 -35.78 -9.76
N ARG A 378 11.26 -35.79 -9.61
CA ARG A 378 10.60 -36.95 -9.01
C ARG A 378 10.32 -38.07 -10.05
N TYR A 379 9.81 -37.69 -11.23
CA TYR A 379 9.35 -38.69 -12.19
C TYR A 379 10.11 -38.74 -13.51
N HIS A 380 10.81 -37.67 -13.85
CA HIS A 380 11.52 -37.57 -15.12
C HIS A 380 10.66 -37.87 -16.33
N LEU A 381 9.41 -37.40 -16.29
CA LEU A 381 8.53 -37.43 -17.45
C LEU A 381 8.49 -36.05 -18.08
N TYR A 382 8.45 -35.97 -19.42
CA TYR A 382 8.37 -34.66 -20.04
C TYR A 382 7.05 -33.95 -19.78
N MET A 383 7.10 -32.63 -19.90
CA MET A 383 5.99 -31.77 -19.56
C MET A 383 5.66 -30.76 -20.65
N TYR A 384 4.40 -30.32 -20.61
CA TYR A 384 3.97 -29.08 -21.23
C TYR A 384 3.43 -28.18 -20.11
N VAL A 385 3.70 -26.88 -20.21
CA VAL A 385 2.91 -25.94 -19.44
C VAL A 385 1.59 -25.76 -20.19
N THR A 386 0.53 -26.41 -19.70
CA THR A 386 -0.75 -26.43 -20.40
C THR A 386 -1.70 -25.29 -20.02
N GLU A 387 -1.45 -24.60 -18.90
CA GLU A 387 -2.15 -23.34 -18.59
C GLU A 387 -1.25 -22.44 -17.78
N ASN A 388 -1.35 -21.16 -18.08
CA ASN A 388 -0.69 -20.10 -17.33
C ASN A 388 -1.29 -18.81 -17.85
N GLY A 389 -1.83 -18.00 -16.94
CA GLY A 389 -2.48 -16.78 -17.36
C GLY A 389 -2.95 -15.94 -16.18
N ILE A 390 -3.64 -14.87 -16.48
CA ILE A 390 -4.04 -13.91 -15.48
C ILE A 390 -5.37 -13.26 -15.85
N ALA A 391 -6.23 -13.07 -14.85
CA ALA A 391 -7.46 -12.29 -14.99
C ALA A 391 -7.13 -10.79 -14.99
N ASP A 392 -7.24 -10.16 -16.16
CA ASP A 392 -6.72 -8.81 -16.37
C ASP A 392 -7.35 -8.19 -17.63
N ASP A 393 -8.54 -7.64 -17.45
CA ASP A 393 -9.28 -7.08 -18.59
C ASP A 393 -8.53 -5.86 -19.14
N ALA A 394 -8.00 -5.07 -18.22
CA ALA A 394 -7.27 -3.85 -18.61
C ALA A 394 -5.93 -4.09 -19.32
N ASP A 395 -5.35 -5.28 -19.11
CA ASP A 395 -4.01 -5.65 -19.63
C ASP A 395 -2.87 -4.95 -18.96
N TYR A 396 -3.06 -4.49 -17.73
CA TYR A 396 -1.99 -3.79 -17.02
C TYR A 396 -0.83 -4.71 -16.64
N GLN A 397 -1.16 -5.90 -16.14
CA GLN A 397 -0.17 -6.82 -15.60
C GLN A 397 0.25 -7.91 -16.57
N ARG A 398 -0.61 -8.25 -17.51
CA ARG A 398 -0.36 -9.42 -18.34
C ARG A 398 0.96 -9.38 -19.14
N PRO A 399 1.38 -8.21 -19.67
CA PRO A 399 2.67 -8.25 -20.35
C PRO A 399 3.81 -8.77 -19.47
N TYR A 400 3.85 -8.29 -18.23
CA TYR A 400 4.83 -8.77 -17.25
C TYR A 400 4.58 -10.23 -16.88
N TYR A 401 3.32 -10.58 -16.66
CA TYR A 401 2.96 -11.94 -16.26
C TYR A 401 3.44 -12.92 -17.33
N LEU A 402 3.15 -12.60 -18.58
CA LEU A 402 3.52 -13.47 -19.70
C LEU A 402 5.04 -13.63 -19.80
N VAL A 403 5.75 -12.53 -19.92
CA VAL A 403 7.20 -12.62 -20.11
C VAL A 403 7.89 -13.30 -18.93
N SER A 404 7.50 -12.94 -17.71
CA SER A 404 8.07 -13.50 -16.48
CA SER A 404 8.13 -13.50 -16.52
C SER A 404 7.92 -15.01 -16.39
N HIS A 405 6.71 -15.51 -16.68
CA HIS A 405 6.49 -16.94 -16.59
C HIS A 405 7.19 -17.71 -17.71
N VAL A 406 7.19 -17.17 -18.91
CA VAL A 406 7.97 -17.76 -20.01
C VAL A 406 9.44 -17.84 -19.65
N TYR A 407 10.00 -16.77 -19.04
CA TYR A 407 11.39 -16.81 -18.54
C TYR A 407 11.62 -17.99 -17.59
N GLN A 408 10.68 -18.22 -16.67
CA GLN A 408 10.85 -19.29 -15.70
C GLN A 408 10.82 -20.67 -16.37
N VAL A 409 10.06 -20.80 -17.46
CA VAL A 409 10.08 -22.05 -18.20
C VAL A 409 11.49 -22.23 -18.84
N HIS A 410 12.03 -21.14 -19.37
CA HIS A 410 13.40 -21.14 -19.89
C HIS A 410 14.38 -21.59 -18.82
N ARG A 411 14.25 -21.06 -17.60
CA ARG A 411 15.13 -21.45 -16.50
C ARG A 411 15.03 -22.95 -16.21
N ALA A 412 13.79 -23.45 -16.20
CA ALA A 412 13.55 -24.86 -15.92
C ALA A 412 14.24 -25.79 -16.95
N ILE A 413 14.14 -25.43 -18.22
CA ILE A 413 14.79 -26.15 -19.31
C ILE A 413 16.32 -26.12 -19.15
N ASN A 414 16.82 -24.96 -18.77
CA ASN A 414 18.23 -24.76 -18.53
C ASN A 414 18.73 -25.65 -17.40
N SER A 415 17.88 -25.88 -16.41
CA SER A 415 18.21 -26.72 -15.25
CA SER A 415 18.23 -26.71 -15.26
C SER A 415 18.14 -28.21 -15.58
N GLY A 416 17.61 -28.56 -16.76
CA GLY A 416 17.58 -29.95 -17.17
C GLY A 416 16.19 -30.52 -17.44
N ALA A 417 15.15 -29.81 -17.03
CA ALA A 417 13.78 -30.31 -17.16
C ALA A 417 13.33 -30.34 -18.62
N ASP A 418 12.72 -31.45 -19.02
CA ASP A 418 12.22 -31.59 -20.38
C ASP A 418 10.83 -30.98 -20.51
N VAL A 419 10.79 -29.70 -20.89
CA VAL A 419 9.54 -28.98 -21.09
C VAL A 419 9.39 -28.64 -22.55
N ARG A 420 8.29 -29.06 -23.19
CA ARG A 420 8.22 -29.05 -24.66
C ARG A 420 7.33 -27.98 -25.26
N GLY A 421 6.66 -27.23 -24.39
CA GLY A 421 5.80 -26.16 -24.84
C GLY A 421 5.23 -25.32 -23.71
N TYR A 422 4.73 -24.15 -24.09
CA TYR A 422 4.04 -23.22 -23.20
C TYR A 422 2.72 -22.83 -23.85
N LEU A 423 1.63 -23.15 -23.18
CA LEU A 423 0.29 -22.85 -23.64
C LEU A 423 -0.38 -21.88 -22.65
N HIS A 424 -0.57 -20.65 -23.13
CA HIS A 424 -1.21 -19.62 -22.34
C HIS A 424 -2.71 -19.90 -22.18
N TRP A 425 -3.23 -19.61 -21.00
CA TRP A 425 -4.68 -19.56 -20.77
C TRP A 425 -5.09 -18.08 -20.74
N SER A 426 -5.72 -17.58 -21.79
CA SER A 426 -6.14 -18.33 -22.97
C SER A 426 -6.01 -17.41 -24.17
N LEU A 427 -6.31 -17.91 -25.38
CA LEU A 427 -6.27 -17.07 -26.57
C LEU A 427 -7.27 -15.92 -26.44
N ALA A 428 -8.51 -16.24 -26.07
CA ALA A 428 -9.53 -15.22 -25.89
C ALA A 428 -10.26 -15.38 -24.54
N ASP A 429 -10.86 -14.29 -24.07
CA ASP A 429 -11.71 -14.32 -22.90
C ASP A 429 -12.76 -15.46 -23.02
N ASN A 430 -13.17 -16.00 -21.88
CA ASN A 430 -14.18 -17.04 -21.92
C ASN A 430 -15.01 -17.12 -20.62
N TYR A 431 -15.92 -18.09 -20.56
CA TYR A 431 -16.84 -18.24 -19.42
C TYR A 431 -16.10 -18.92 -18.27
N GLU A 432 -15.82 -18.14 -17.21
CA GLU A 432 -14.99 -18.61 -16.12
C GLU A 432 -15.86 -19.23 -15.03
N TRP A 433 -16.58 -20.25 -15.46
CA TRP A 433 -17.37 -21.08 -14.54
C TRP A 433 -18.28 -20.25 -13.65
N ALA A 434 -18.18 -20.45 -12.34
CA ALA A 434 -19.08 -19.75 -11.41
C ALA A 434 -18.94 -18.22 -11.39
N SER A 435 -17.78 -17.72 -11.82
CA SER A 435 -17.53 -16.28 -11.93
C SER A 435 -18.09 -15.66 -13.19
N GLY A 436 -18.50 -16.47 -14.15
CA GLY A 436 -19.10 -15.95 -15.36
C GLY A 436 -18.06 -15.28 -16.23
N PHE A 437 -18.48 -14.26 -16.97
CA PHE A 437 -17.63 -13.61 -17.96
C PHE A 437 -16.74 -12.52 -17.37
N SER A 438 -16.91 -12.17 -16.09
CA SER A 438 -16.20 -11.00 -15.56
C SER A 438 -14.67 -11.11 -15.49
N MET A 439 -14.19 -12.34 -15.39
CA MET A 439 -12.77 -12.60 -15.22
C MET A 439 -12.23 -12.92 -16.60
N ARG A 440 -11.40 -12.01 -17.10
CA ARG A 440 -10.96 -12.02 -18.48
C ARG A 440 -9.51 -12.44 -18.61
N PHE A 441 -9.29 -13.64 -19.14
CA PHE A 441 -7.97 -14.24 -19.23
C PHE A 441 -7.34 -14.16 -20.62
N GLY A 442 -8.03 -13.56 -21.58
CA GLY A 442 -7.58 -13.61 -22.96
C GLY A 442 -6.40 -12.71 -23.30
N LEU A 443 -5.55 -13.20 -24.19
CA LEU A 443 -4.66 -12.32 -24.95
C LEU A 443 -5.52 -11.44 -25.84
N LEU A 444 -6.66 -12.00 -26.27
CA LEU A 444 -7.65 -11.28 -27.04
C LEU A 444 -8.88 -11.01 -26.19
N LYS A 445 -9.31 -9.75 -26.21
CA LYS A 445 -10.50 -9.31 -25.52
C LYS A 445 -11.74 -9.57 -26.35
N VAL A 446 -12.76 -10.15 -25.71
CA VAL A 446 -13.99 -10.45 -26.40
C VAL A 446 -15.08 -9.43 -26.05
N ASP A 447 -15.73 -8.88 -27.07
CA ASP A 447 -16.98 -8.17 -26.87
C ASP A 447 -18.10 -9.21 -27.00
N TYR A 448 -18.68 -9.63 -25.88
CA TYR A 448 -19.75 -10.65 -25.90
C TYR A 448 -21.02 -10.26 -26.62
N ASN A 449 -21.24 -8.97 -26.83
CA ASN A 449 -22.43 -8.56 -27.58
C ASN A 449 -22.29 -8.84 -29.08
N THR A 450 -21.07 -8.76 -29.59
CA THR A 450 -20.83 -8.87 -31.03
C THR A 450 -19.93 -10.05 -31.42
N LYS A 451 -19.27 -10.64 -30.42
CA LYS A 451 -18.36 -11.77 -30.56
C LYS A 451 -17.05 -11.34 -31.21
N ARG A 452 -16.85 -10.03 -31.29
CA ARG A 452 -15.66 -9.48 -31.91
C ARG A 452 -14.45 -9.64 -30.96
N LEU A 453 -13.30 -9.96 -31.56
CA LEU A 453 -12.05 -10.14 -30.84
C LEU A 453 -11.11 -8.97 -31.06
N TYR A 454 -10.55 -8.44 -29.98
CA TYR A 454 -9.57 -7.39 -30.03
C TYR A 454 -8.21 -7.86 -29.49
N TRP A 455 -7.13 -7.33 -30.04
CA TRP A 455 -5.80 -7.64 -29.53
C TRP A 455 -5.42 -6.73 -28.35
N ARG A 456 -5.35 -7.30 -27.15
CA ARG A 456 -4.69 -6.60 -26.02
C ARG A 456 -3.20 -6.45 -26.35
N PRO A 457 -2.56 -5.42 -25.81
CA PRO A 457 -1.14 -5.28 -26.16
C PRO A 457 -0.28 -6.53 -25.81
N SER A 458 -0.68 -7.27 -24.77
CA SER A 458 -0.03 -8.53 -24.44
CA SER A 458 -0.04 -8.55 -24.46
C SER A 458 -0.05 -9.54 -25.61
N ALA A 459 -1.08 -9.49 -26.45
CA ALA A 459 -1.15 -10.32 -27.63
C ALA A 459 -0.03 -9.96 -28.62
N LEU A 460 0.25 -8.68 -28.75
CA LEU A 460 1.37 -8.23 -29.57
C LEU A 460 2.70 -8.67 -28.96
N VAL A 461 2.81 -8.64 -27.63
CA VAL A 461 3.99 -9.15 -26.97
C VAL A 461 4.15 -10.64 -27.25
N TYR A 462 3.06 -11.39 -27.11
CA TYR A 462 3.17 -12.82 -27.33
C TYR A 462 3.55 -13.13 -28.78
N ARG A 463 3.06 -12.35 -29.75
CA ARG A 463 3.45 -12.55 -31.14
C ARG A 463 4.96 -12.41 -31.32
N GLU A 464 5.56 -11.46 -30.60
CA GLU A 464 7.00 -11.29 -30.66
CA GLU A 464 7.01 -11.27 -30.65
C GLU A 464 7.71 -12.53 -30.12
N ILE A 465 7.22 -13.05 -29.00
CA ILE A 465 7.82 -14.25 -28.41
C ILE A 465 7.67 -15.46 -29.33
N ALA A 466 6.45 -15.71 -29.78
CA ALA A 466 6.18 -16.95 -30.54
C ALA A 466 6.88 -16.92 -31.90
N THR A 467 6.82 -15.79 -32.59
CA THR A 467 7.40 -15.69 -33.90
C THR A 467 8.94 -15.77 -33.87
N ASN A 468 9.55 -15.38 -32.76
CA ASN A 468 11.00 -15.46 -32.65
C ASN A 468 11.48 -16.70 -31.89
N GLY A 469 10.56 -17.41 -31.26
CA GLY A 469 10.90 -18.56 -30.44
C GLY A 469 11.78 -18.15 -29.28
N ALA A 470 11.53 -16.96 -28.74
CA ALA A 470 12.41 -16.41 -27.72
C ALA A 470 11.79 -15.20 -27.04
N ILE A 471 12.15 -14.95 -25.78
CA ILE A 471 12.01 -13.59 -25.24
C ILE A 471 13.14 -12.77 -25.87
N THR A 472 12.76 -11.85 -26.75
CA THR A 472 13.74 -11.08 -27.51
C THR A 472 14.30 -9.95 -26.62
N ASP A 473 15.41 -9.37 -27.04
CA ASP A 473 16.11 -8.39 -26.21
C ASP A 473 15.18 -7.25 -25.83
N GLU A 474 14.35 -6.85 -26.79
CA GLU A 474 13.58 -5.62 -26.69
C GLU A 474 12.44 -5.69 -25.66
N ILE A 475 12.08 -6.88 -25.23
CA ILE A 475 10.97 -7.00 -24.29
C ILE A 475 11.41 -7.64 -22.97
N GLU A 476 12.71 -7.76 -22.74
CA GLU A 476 13.26 -8.44 -21.58
CA GLU A 476 13.21 -8.46 -21.56
C GLU A 476 12.98 -7.67 -20.27
N HIS A 477 12.70 -6.39 -20.37
CA HIS A 477 12.35 -5.60 -19.20
C HIS A 477 11.03 -6.07 -18.58
N LEU A 478 10.23 -6.79 -19.35
CA LEU A 478 8.96 -7.32 -18.85
C LEU A 478 9.12 -8.53 -17.95
N ASN A 479 10.34 -9.07 -17.86
CA ASN A 479 10.68 -10.14 -16.91
C ASN A 479 10.91 -9.48 -15.56
N SER A 480 9.81 -9.06 -14.96
CA SER A 480 9.84 -8.26 -13.76
C SER A 480 8.42 -8.18 -13.17
N VAL A 481 8.33 -7.71 -11.93
CA VAL A 481 7.03 -7.51 -11.27
C VAL A 481 6.37 -6.21 -11.77
N PRO A 482 5.07 -6.27 -12.14
CA PRO A 482 4.37 -5.03 -12.50
C PRO A 482 4.58 -4.00 -11.40
N PRO A 483 4.97 -2.76 -11.78
CA PRO A 483 5.14 -1.73 -10.76
C PRO A 483 3.86 -1.57 -9.91
N VAL A 484 4.02 -1.63 -8.61
CA VAL A 484 2.86 -1.62 -7.73
CA VAL A 484 2.90 -1.62 -7.68
C VAL A 484 2.38 -0.22 -7.39
N LYS A 485 3.29 0.76 -7.34
CA LYS A 485 2.88 2.12 -7.01
C LYS A 485 1.68 2.63 -7.81
N PRO A 486 1.66 2.42 -9.14
CA PRO A 486 0.54 3.00 -9.93
C PRO A 486 -0.75 2.17 -9.92
N LEU A 487 -0.68 0.96 -9.34
CA LEU A 487 -1.83 0.06 -9.31
C LEU A 487 -2.61 0.26 -8.03
N ARG A 488 -3.87 -0.19 -8.03
CA ARG A 488 -4.67 -0.15 -6.81
C ARG A 488 -4.01 -0.95 -5.71
N HIS A 489 -4.00 -0.35 -4.51
CA HIS A 489 -3.48 -1.04 -3.35
C HIS A 489 -3.83 -0.28 -2.09
N MET B 1 -1.50 1.73 32.69
CA MET B 1 -1.61 3.21 32.86
C MET B 1 -0.23 3.85 32.81
N TYR B 2 -0.14 5.08 32.33
CA TYR B 2 1.14 5.78 32.31
C TYR B 2 0.91 7.13 32.94
N SER B 3 1.38 7.31 34.16
CA SER B 3 1.11 8.52 34.94
C SER B 3 2.28 9.50 34.87
N PHE B 4 1.96 10.79 34.93
CA PHE B 4 2.97 11.82 34.87
C PHE B 4 3.17 12.44 36.25
N PRO B 5 4.31 13.10 36.46
CA PRO B 5 4.57 13.76 37.75
C PRO B 5 3.46 14.77 38.08
N ASN B 6 3.24 15.03 39.36
CA ASN B 6 2.17 15.91 39.78
C ASN B 6 2.27 17.31 39.20
N SER B 7 3.49 17.78 38.98
CA SER B 7 3.70 19.13 38.44
C SER B 7 3.70 19.23 36.92
N PHE B 8 3.63 18.10 36.24
CA PHE B 8 3.64 18.09 34.78
C PHE B 8 2.32 18.64 34.23
N ARG B 9 2.39 19.51 33.22
CA ARG B 9 1.19 20.13 32.65
C ARG B 9 0.92 19.81 31.20
N PHE B 10 -0.33 19.50 30.89
CA PHE B 10 -0.80 19.31 29.52
C PHE B 10 -1.51 20.57 29.02
N GLY B 11 -1.20 20.97 27.80
CA GLY B 11 -1.79 22.19 27.26
C GLY B 11 -1.68 22.29 25.76
N TRP B 12 -1.51 23.51 25.29
CA TRP B 12 -1.46 23.76 23.86
C TRP B 12 -0.63 24.95 23.55
N SER B 13 -0.21 25.01 22.29
CA SER B 13 0.50 26.16 21.74
CA SER B 13 0.48 26.16 21.76
C SER B 13 -0.26 26.72 20.56
N GLN B 14 -0.16 28.05 20.37
CA GLN B 14 -0.69 28.69 19.17
C GLN B 14 0.10 29.94 18.83
N ALA B 15 -0.08 30.43 17.61
CA ALA B 15 0.62 31.62 17.13
C ALA B 15 -0.35 32.77 16.81
N GLY B 16 0.11 34.00 16.99
CA GLY B 16 -0.74 35.16 16.74
C GLY B 16 -1.19 35.31 15.30
N PHE B 17 -0.26 35.25 14.36
CA PHE B 17 -0.59 35.46 12.97
C PHE B 17 -1.55 34.37 12.47
N GLN B 18 -1.41 33.17 13.00
CA GLN B 18 -2.14 32.02 12.51
C GLN B 18 -3.57 31.94 13.11
N SER B 19 -3.76 32.47 14.32
CA SER B 19 -5.07 32.30 15.00
C SER B 19 -5.85 33.58 15.35
N GLU B 20 -5.17 34.71 15.49
CA GLU B 20 -5.83 35.91 15.98
C GLU B 20 -6.91 36.48 15.08
N MET B 21 -6.66 36.57 13.77
CA MET B 21 -7.57 37.32 12.92
C MET B 21 -8.81 36.49 12.55
N GLY B 22 -9.89 37.20 12.21
CA GLY B 22 -11.11 36.57 11.75
C GLY B 22 -12.38 37.20 12.30
N THR B 23 -12.24 38.01 13.35
CA THR B 23 -13.38 38.68 13.93
C THR B 23 -13.27 40.17 13.58
N PRO B 24 -14.40 40.88 13.60
CA PRO B 24 -14.41 42.32 13.28
C PRO B 24 -13.37 43.12 14.05
N GLY B 25 -12.59 43.93 13.33
CA GLY B 25 -11.60 44.79 13.94
C GLY B 25 -10.29 44.09 14.35
N SER B 26 -10.11 42.83 13.96
CA SER B 26 -8.95 42.05 14.39
C SER B 26 -7.78 42.08 13.40
N GLU B 27 -7.97 42.63 12.22
CA GLU B 27 -6.94 42.49 11.18
C GLU B 27 -5.65 43.22 11.57
N ASP B 28 -4.49 42.55 11.42
CA ASP B 28 -3.19 43.21 11.52
C ASP B 28 -2.55 43.25 10.13
N PRO B 29 -2.69 44.38 9.43
CA PRO B 29 -2.17 44.40 8.06
C PRO B 29 -0.70 44.82 7.92
N ASN B 30 0.03 44.87 9.02
CA ASN B 30 1.30 45.59 9.06
C ASN B 30 2.57 44.76 9.15
N THR B 31 2.46 43.45 8.85
CA THR B 31 3.60 42.56 8.89
C THR B 31 4.15 42.23 7.50
N ASP B 32 5.40 41.78 7.46
CA ASP B 32 5.93 41.16 6.26
C ASP B 32 5.01 40.00 5.80
N GLY B 33 4.55 39.18 6.75
CA GLY B 33 3.69 38.03 6.44
C GLY B 33 2.41 38.41 5.74
N TYR B 34 1.76 39.47 6.22
CA TYR B 34 0.52 39.90 5.61
C TYR B 34 0.76 40.35 4.15
N LYS B 35 1.82 41.14 3.93
CA LYS B 35 2.12 41.57 2.58
C LYS B 35 2.40 40.34 1.66
N TRP B 36 3.19 39.43 2.19
CA TRP B 36 3.66 38.24 1.49
C TRP B 36 2.51 37.39 1.00
N VAL B 37 1.51 37.14 1.86
CA VAL B 37 0.45 36.20 1.49
C VAL B 37 -0.65 36.87 0.67
N HIS B 38 -0.65 38.20 0.63
CA HIS B 38 -1.57 38.92 -0.26
C HIS B 38 -0.93 39.29 -1.60
N ASP B 39 0.34 38.98 -1.80
CA ASP B 39 1.05 39.46 -2.99
C ASP B 39 0.56 38.77 -4.26
N PRO B 40 0.19 39.56 -5.28
CA PRO B 40 -0.37 38.95 -6.49
C PRO B 40 0.61 37.99 -7.16
N GLU B 41 1.88 38.36 -7.21
CA GLU B 41 2.84 37.50 -7.89
C GLU B 41 3.05 36.19 -7.14
N ASN B 42 3.12 36.25 -5.82
CA ASN B 42 3.24 35.05 -5.01
C ASN B 42 2.03 34.12 -5.18
N MET B 43 0.84 34.72 -5.27
CA MET B 43 -0.37 33.94 -5.54
C MET B 43 -0.36 33.27 -6.90
N ALA B 44 -0.02 34.06 -7.92
CA ALA B 44 0.14 33.55 -9.28
C ALA B 44 1.13 32.36 -9.40
N ALA B 45 2.23 32.43 -8.67
CA ALA B 45 3.27 31.42 -8.67
C ALA B 45 2.88 30.19 -7.83
N GLY B 46 1.81 30.31 -7.07
CA GLY B 46 1.45 29.27 -6.13
C GLY B 46 2.40 29.11 -4.96
N LEU B 47 3.18 30.15 -4.67
CA LEU B 47 4.05 30.14 -3.49
C LEU B 47 3.20 30.21 -2.21
N VAL B 48 2.08 30.92 -2.30
CA VAL B 48 1.12 30.95 -1.20
C VAL B 48 -0.24 30.48 -1.72
N SER B 49 -1.10 30.02 -0.81
CA SER B 49 -2.34 29.35 -1.21
C SER B 49 -3.41 30.21 -1.78
N GLY B 50 -3.39 31.49 -1.45
CA GLY B 50 -4.48 32.39 -1.80
C GLY B 50 -5.46 32.60 -0.64
N ASP B 51 -5.43 31.72 0.35
CA ASP B 51 -6.21 31.91 1.57
C ASP B 51 -5.58 33.08 2.30
N LEU B 52 -6.39 33.82 3.04
CA LEU B 52 -5.91 35.03 3.69
C LEU B 52 -6.19 34.96 5.19
N PRO B 53 -5.22 35.36 6.01
CA PRO B 53 -5.28 35.20 7.47
C PRO B 53 -6.43 35.96 8.11
N GLU B 54 -6.87 37.05 7.48
CA GLU B 54 -7.96 37.84 8.03
C GLU B 54 -9.29 37.06 8.04
N ASN B 55 -9.32 35.92 7.39
CA ASN B 55 -10.52 35.06 7.43
C ASN B 55 -10.37 33.89 8.40
N GLY B 56 -9.47 34.05 9.37
CA GLY B 56 -9.12 33.00 10.29
C GLY B 56 -10.06 32.74 11.44
N PRO B 57 -9.53 32.06 12.46
CA PRO B 57 -10.38 31.50 13.50
C PRO B 57 -10.83 32.51 14.55
N GLY B 58 -10.28 33.73 14.55
CA GLY B 58 -10.85 34.80 15.33
C GLY B 58 -10.54 34.80 16.82
N TYR B 59 -9.37 34.33 17.21
CA TYR B 59 -8.98 34.31 18.63
C TYR B 59 -8.93 35.72 19.24
N TRP B 60 -8.57 36.73 18.44
CA TRP B 60 -8.53 38.11 18.95
C TRP B 60 -9.86 38.50 19.57
N GLY B 61 -10.95 38.15 18.90
CA GLY B 61 -12.27 38.43 19.45
C GLY B 61 -12.89 37.34 20.32
N ASN B 62 -12.56 36.07 20.05
CA ASN B 62 -13.26 34.93 20.64
C ASN B 62 -12.44 34.14 21.64
N TYR B 63 -11.36 34.76 22.13
CA TYR B 63 -10.46 34.10 23.07
C TYR B 63 -11.13 33.49 24.29
N LYS B 64 -12.20 34.09 24.81
CA LYS B 64 -12.86 33.50 25.97
C LYS B 64 -13.41 32.13 25.62
N THR B 65 -13.96 32.02 24.41
CA THR B 65 -14.47 30.74 23.94
C THR B 65 -13.35 29.70 23.80
N PHE B 66 -12.21 30.09 23.25
CA PHE B 66 -11.05 29.19 23.17
C PHE B 66 -10.68 28.75 24.59
N HIS B 67 -10.59 29.71 25.51
CA HIS B 67 -10.12 29.38 26.85
C HIS B 67 -11.14 28.52 27.60
N ASP B 68 -12.43 28.79 27.40
CA ASP B 68 -13.51 27.97 27.99
C ASP B 68 -13.32 26.51 27.60
N ASN B 69 -13.14 26.26 26.30
CA ASN B 69 -12.92 24.91 25.82
C ASN B 69 -11.64 24.27 26.36
N ALA B 70 -10.56 25.04 26.44
CA ALA B 70 -9.32 24.50 27.00
C ALA B 70 -9.51 24.12 28.48
N GLN B 71 -10.22 24.95 29.23
CA GLN B 71 -10.46 24.66 30.64
C GLN B 71 -11.32 23.39 30.79
N LYS B 72 -12.35 23.30 29.98
CA LYS B 72 -13.20 22.09 29.96
C LYS B 72 -12.44 20.82 29.56
N MET B 73 -11.35 21.00 28.82
CA MET B 73 -10.53 19.90 28.35
C MET B 73 -9.49 19.54 29.42
N GLY B 74 -9.44 20.30 30.51
CA GLY B 74 -8.51 20.04 31.59
C GLY B 74 -7.08 20.54 31.36
N LEU B 75 -6.91 21.44 30.39
CA LEU B 75 -5.57 21.94 30.06
C LEU B 75 -5.07 22.88 31.15
N LYS B 76 -3.77 22.86 31.40
CA LYS B 76 -3.19 23.59 32.53
C LYS B 76 -2.01 24.46 32.10
N ILE B 77 -1.75 24.54 30.80
CA ILE B 77 -0.63 25.37 30.33
C ILE B 77 -0.88 25.82 28.89
N ALA B 78 -0.45 27.03 28.57
CA ALA B 78 -0.56 27.53 27.20
C ALA B 78 0.67 28.33 26.84
N ARG B 79 1.06 28.22 25.56
CA ARG B 79 2.14 29.03 25.01
C ARG B 79 1.57 29.82 23.84
N LEU B 80 1.64 31.15 23.96
CA LEU B 80 1.11 32.06 22.95
C LEU B 80 2.19 33.12 22.68
N ASN B 81 2.08 33.89 21.61
CA ASN B 81 2.97 35.03 21.42
C ASN B 81 2.22 36.34 21.31
N VAL B 82 2.96 37.42 21.49
CA VAL B 82 2.46 38.72 21.15
CA VAL B 82 2.48 38.74 21.17
C VAL B 82 3.01 39.03 19.77
N GLU B 83 2.18 39.64 18.94
CA GLU B 83 2.65 40.02 17.60
C GLU B 83 3.31 41.40 17.67
N TRP B 84 4.61 41.42 17.37
CA TRP B 84 5.43 42.65 17.38
C TRP B 84 4.73 43.78 16.60
N SER B 85 4.24 43.44 15.41
CA SER B 85 3.58 44.40 14.54
CA SER B 85 3.59 44.40 14.54
C SER B 85 2.36 45.06 15.18
N ARG B 86 1.62 44.33 16.01
CA ARG B 86 0.45 44.93 16.67
C ARG B 86 0.90 45.99 17.69
N ILE B 87 2.03 45.73 18.34
CA ILE B 87 2.51 46.62 19.40
C ILE B 87 3.19 47.85 18.79
N PHE B 88 3.96 47.64 17.72
CA PHE B 88 4.61 48.75 17.02
C PHE B 88 4.24 48.76 15.53
N PRO B 89 3.03 49.26 15.21
CA PRO B 89 2.54 49.23 13.83
C PRO B 89 3.21 50.26 12.95
N ASN B 90 3.83 51.27 13.57
CA ASN B 90 4.56 52.26 12.82
C ASN B 90 6.03 52.21 13.22
N PRO B 91 6.92 52.85 12.45
CA PRO B 91 8.35 52.63 12.71
C PRO B 91 8.89 53.32 13.95
N LEU B 92 9.96 52.77 14.49
CA LEU B 92 10.70 53.45 15.56
C LEU B 92 11.84 54.21 14.91
N PRO B 93 12.33 55.26 15.58
CA PRO B 93 13.51 55.99 15.12
C PRO B 93 14.68 55.05 14.85
N ARG B 94 15.42 55.27 13.75
CA ARG B 94 16.64 54.50 13.49
C ARG B 94 17.61 54.74 14.65
N PRO B 95 18.23 53.67 15.17
CA PRO B 95 18.94 53.74 16.45
C PRO B 95 20.07 54.77 16.50
N GLN B 96 20.23 55.38 17.67
CA GLN B 96 21.29 56.35 17.91
C GLN B 96 22.53 55.67 18.49
N ASN B 97 23.71 56.08 18.01
CA ASN B 97 24.98 55.56 18.51
C ASN B 97 25.16 54.08 18.17
N PHE B 98 24.73 53.69 16.98
CA PHE B 98 24.67 52.29 16.60
C PHE B 98 25.16 52.09 15.16
N ASP B 99 26.21 51.29 15.00
CA ASP B 99 26.81 51.05 13.69
C ASP B 99 26.26 49.79 13.04
N GLU B 100 25.33 49.97 12.10
CA GLU B 100 24.71 48.82 11.41
C GLU B 100 25.72 48.02 10.59
N SER B 101 26.90 48.61 10.37
CA SER B 101 27.95 47.95 9.59
C SER B 101 28.72 46.92 10.42
N LYS B 102 28.72 47.09 11.74
CA LYS B 102 29.36 46.11 12.63
C LYS B 102 28.63 44.78 12.62
N GLN B 103 29.37 43.71 12.37
CA GLN B 103 28.80 42.38 12.25
C GLN B 103 28.22 41.86 13.58
N ASP B 104 28.88 42.18 14.70
CA ASP B 104 28.50 41.61 15.97
C ASP B 104 27.70 42.59 16.80
N VAL B 105 26.67 42.11 17.49
CA VAL B 105 25.89 42.91 18.43
C VAL B 105 26.07 42.23 19.79
N THR B 106 26.98 42.79 20.60
CA THR B 106 27.36 42.10 21.85
C THR B 106 26.62 42.64 23.07
N GLU B 107 25.96 43.78 22.94
CA GLU B 107 25.17 44.33 24.02
C GLU B 107 24.12 45.24 23.43
N VAL B 108 22.92 45.18 23.98
CA VAL B 108 21.89 46.15 23.68
C VAL B 108 21.42 46.67 25.04
N GLU B 109 21.78 47.92 25.36
CA GLU B 109 21.50 48.44 26.69
C GLU B 109 20.02 48.72 26.86
N ILE B 110 19.48 48.27 27.99
CA ILE B 110 18.09 48.50 28.38
C ILE B 110 18.13 49.29 29.68
N ASN B 111 17.37 50.39 29.74
CA ASN B 111 17.20 51.10 31.01
C ASN B 111 15.77 51.63 31.09
N GLU B 112 15.39 52.08 32.28
CA GLU B 112 14.02 52.51 32.51
C GLU B 112 13.60 53.65 31.56
N ASN B 113 14.44 54.65 31.37
CA ASN B 113 14.08 55.77 30.52
CA ASN B 113 14.09 55.77 30.50
C ASN B 113 13.86 55.33 29.05
N GLU B 114 14.71 54.46 28.54
CA GLU B 114 14.55 53.91 27.19
C GLU B 114 13.22 53.18 27.02
N LEU B 115 12.82 52.45 28.06
CA LEU B 115 11.55 51.69 28.07
C LEU B 115 10.35 52.64 28.09
N LYS B 116 10.48 53.75 28.82
CA LYS B 116 9.41 54.74 28.87
C LYS B 116 9.24 55.50 27.54
N ARG B 117 10.34 55.65 26.80
CA ARG B 117 10.33 56.27 25.49
C ARG B 117 9.69 55.32 24.48
N LEU B 118 10.07 54.05 24.55
CA LEU B 118 9.52 53.02 23.70
C LEU B 118 8.01 52.95 23.92
N ASP B 119 7.58 53.09 25.18
CA ASP B 119 6.16 53.05 25.49
C ASP B 119 5.36 54.13 24.74
N GLU B 120 5.98 55.28 24.45
CA GLU B 120 5.28 56.33 23.70
C GLU B 120 4.84 55.90 22.29
N TYR B 121 5.53 54.91 21.73
CA TYR B 121 5.25 54.50 20.37
C TYR B 121 4.40 53.22 20.30
N ALA B 122 4.12 52.62 21.45
CA ALA B 122 3.37 51.38 21.52
C ALA B 122 1.86 51.60 21.33
N ASN B 123 1.20 50.67 20.65
CA ASN B 123 -0.24 50.71 20.44
C ASN B 123 -0.96 50.26 21.71
N LYS B 124 -1.51 51.23 22.43
CA LYS B 124 -2.11 50.97 23.75
C LYS B 124 -3.35 50.08 23.67
N ASP B 125 -4.08 50.15 22.56
CA ASP B 125 -5.26 49.32 22.38
C ASP B 125 -4.84 47.87 22.29
N ALA B 126 -3.78 47.60 21.53
CA ALA B 126 -3.32 46.22 21.38
C ALA B 126 -2.75 45.74 22.71
N LEU B 127 -2.00 46.62 23.40
CA LEU B 127 -1.44 46.23 24.69
C LEU B 127 -2.54 45.88 25.67
N ASN B 128 -3.56 46.73 25.74
CA ASN B 128 -4.69 46.51 26.66
C ASN B 128 -5.44 45.23 26.30
N HIS B 129 -5.59 44.99 25.01
CA HIS B 129 -6.30 43.81 24.55
C HIS B 129 -5.53 42.53 24.92
N TYR B 130 -4.22 42.51 24.70
CA TYR B 130 -3.41 41.36 25.10
C TYR B 130 -3.48 41.18 26.62
N ARG B 131 -3.51 42.27 27.38
CA ARG B 131 -3.62 42.11 28.83
C ARG B 131 -4.95 41.42 29.19
N GLU B 132 -6.03 41.81 28.52
CA GLU B 132 -7.33 41.18 28.78
C GLU B 132 -7.32 39.68 28.42
N ILE B 133 -6.73 39.35 27.28
CA ILE B 133 -6.62 37.95 26.88
C ILE B 133 -5.80 37.18 27.91
N PHE B 134 -4.62 37.70 28.27
CA PHE B 134 -3.74 36.96 29.15
C PHE B 134 -4.32 36.85 30.58
N LYS B 135 -5.02 37.89 31.03
CA LYS B 135 -5.70 37.84 32.32
C LYS B 135 -6.74 36.73 32.34
N ASP B 136 -7.47 36.58 31.23
CA ASP B 136 -8.54 35.59 31.15
C ASP B 136 -7.93 34.19 31.21
N LEU B 137 -6.86 34.03 30.45
CA LEU B 137 -6.06 32.81 30.48
C LEU B 137 -5.64 32.45 31.90
N LYS B 138 -5.01 33.41 32.61
CA LYS B 138 -4.51 33.11 33.96
C LYS B 138 -5.66 32.80 34.91
N SER B 139 -6.80 33.45 34.69
CA SER B 139 -7.97 33.20 35.54
C SER B 139 -8.51 31.76 35.42
N ARG B 140 -8.18 31.07 34.33
CA ARG B 140 -8.57 29.65 34.21
C ARG B 140 -7.63 28.76 35.02
N GLY B 141 -6.57 29.33 35.58
CA GLY B 141 -5.55 28.55 36.23
C GLY B 141 -4.51 27.97 35.29
N LEU B 142 -4.43 28.52 34.07
CA LEU B 142 -3.43 28.09 33.10
C LEU B 142 -2.05 28.74 33.34
N TYR B 143 -1.01 27.92 33.37
CA TYR B 143 0.37 28.35 33.42
C TYR B 143 0.67 28.93 32.02
N PHE B 144 1.42 30.02 31.99
CA PHE B 144 1.55 30.84 30.78
C PHE B 144 3.01 30.97 30.32
N ILE B 145 3.31 30.46 29.12
CA ILE B 145 4.62 30.67 28.50
C ILE B 145 4.39 31.70 27.44
N LEU B 146 5.05 32.86 27.55
CA LEU B 146 4.89 33.90 26.55
C LEU B 146 6.10 33.89 25.63
N ASN B 147 5.84 33.67 24.35
CA ASN B 147 6.87 33.71 23.32
C ASN B 147 6.84 35.07 22.62
N MET B 148 8.01 35.65 22.35
CA MET B 148 8.09 36.99 21.77
C MET B 148 7.95 37.06 20.24
N TYR B 149 8.31 35.98 19.56
CA TYR B 149 8.43 36.03 18.10
C TYR B 149 8.07 34.71 17.47
N HIS B 150 7.13 34.74 16.53
CA HIS B 150 6.71 33.52 15.80
C HIS B 150 6.56 33.77 14.29
N TRP B 151 7.57 34.43 13.73
CA TRP B 151 7.89 34.59 12.29
C TRP B 151 7.58 35.96 11.66
N PRO B 152 6.33 36.46 11.75
CA PRO B 152 6.12 37.77 11.12
C PRO B 152 6.85 38.87 11.83
N LEU B 153 7.41 39.76 11.00
CA LEU B 153 8.07 40.99 11.46
C LEU B 153 7.26 42.20 11.03
N PRO B 154 7.38 43.31 11.77
CA PRO B 154 6.80 44.56 11.26
C PRO B 154 7.35 44.85 9.89
N LEU B 155 6.51 45.30 8.98
CA LEU B 155 6.96 45.64 7.65
C LEU B 155 8.04 46.73 7.69
N TRP B 156 8.00 47.60 8.69
CA TRP B 156 9.03 48.65 8.78
C TRP B 156 10.44 48.09 9.03
N LEU B 157 10.53 46.82 9.41
CA LEU B 157 11.80 46.11 9.54
C LEU B 157 12.09 45.14 8.39
N HIS B 158 11.09 44.78 7.61
CA HIS B 158 11.30 43.79 6.55
C HIS B 158 10.25 43.89 5.47
N ASP B 159 10.64 44.35 4.29
CA ASP B 159 9.75 44.28 3.14
C ASP B 159 10.18 43.10 2.30
N PRO B 160 9.40 42.00 2.37
CA PRO B 160 9.89 40.74 1.80
C PRO B 160 9.76 40.71 0.28
N ILE B 161 8.93 41.58 -0.29
CA ILE B 161 8.75 41.57 -1.74
C ILE B 161 9.97 42.27 -2.38
N ARG B 162 10.40 43.36 -1.77
CA ARG B 162 11.62 44.02 -2.21
C ARG B 162 12.80 43.08 -2.20
N VAL B 163 12.95 42.31 -1.12
CA VAL B 163 14.05 41.37 -1.00
C VAL B 163 13.90 40.19 -2.00
N ARG B 164 12.69 39.68 -2.14
CA ARG B 164 12.41 38.65 -3.14
C ARG B 164 12.94 39.06 -4.50
N ARG B 165 12.75 40.33 -4.84
CA ARG B 165 13.13 40.88 -6.13
C ARG B 165 14.62 41.17 -6.26
N GLY B 166 15.38 40.92 -5.19
CA GLY B 166 16.82 41.14 -5.19
C GLY B 166 17.27 42.56 -4.87
N ASP B 167 16.36 43.35 -4.32
CA ASP B 167 16.65 44.73 -3.87
C ASP B 167 16.93 44.72 -2.37
N PHE B 168 18.20 44.95 -2.01
CA PHE B 168 18.60 44.92 -0.61
C PHE B 168 18.87 46.33 -0.06
N THR B 169 18.22 47.34 -0.64
CA THR B 169 18.40 48.73 -0.18
C THR B 169 17.40 49.15 0.88
N GLY B 170 16.38 48.33 1.15
CA GLY B 170 15.33 48.63 2.10
C GLY B 170 15.40 47.80 3.38
N PRO B 171 14.31 47.77 4.15
CA PRO B 171 14.23 46.98 5.39
C PRO B 171 14.39 45.51 5.04
N SER B 172 15.45 44.91 5.55
CA SER B 172 15.85 43.58 5.10
CA SER B 172 15.85 43.58 5.10
C SER B 172 15.70 42.46 6.14
N GLY B 173 14.88 42.69 7.16
CA GLY B 173 14.62 41.65 8.13
C GLY B 173 15.85 41.13 8.83
N TRP B 174 15.97 39.81 8.95
CA TRP B 174 17.09 39.23 9.71
C TRP B 174 18.43 39.37 9.02
N LEU B 175 18.45 39.96 7.82
CA LEU B 175 19.73 40.31 7.18
C LEU B 175 20.33 41.58 7.78
N SER B 176 19.58 42.27 8.65
CA SER B 176 20.02 43.55 9.22
C SER B 176 20.19 43.53 10.74
N THR B 177 21.30 44.06 11.25
CA THR B 177 21.46 44.13 12.70
C THR B 177 20.49 45.14 13.34
N ARG B 178 19.86 46.00 12.55
CA ARG B 178 18.82 46.88 13.10
C ARG B 178 17.73 45.99 13.69
N THR B 179 17.45 44.88 13.02
CA THR B 179 16.41 43.97 13.48
C THR B 179 16.82 43.32 14.81
N VAL B 180 18.12 43.03 14.94
CA VAL B 180 18.65 42.35 16.12
C VAL B 180 18.46 43.31 17.30
N TYR B 181 18.94 44.54 17.11
CA TYR B 181 18.79 45.62 18.09
C TYR B 181 17.34 45.85 18.53
N GLU B 182 16.44 45.99 17.55
CA GLU B 182 15.04 46.29 17.84
C GLU B 182 14.33 45.10 18.47
N PHE B 183 14.73 43.87 18.10
CA PHE B 183 14.11 42.71 18.73
C PHE B 183 14.48 42.59 20.21
N ALA B 184 15.73 42.91 20.54
CA ALA B 184 16.18 42.88 21.94
C ALA B 184 15.37 43.88 22.76
N ARG B 185 15.18 45.08 22.22
CA ARG B 185 14.42 46.08 22.94
C ARG B 185 12.95 45.72 23.05
N PHE B 186 12.38 45.19 21.98
CA PHE B 186 11.00 44.73 22.00
C PHE B 186 10.74 43.66 23.08
N SER B 187 11.62 42.68 23.16
CA SER B 187 11.44 41.61 24.12
CA SER B 187 11.50 41.60 24.12
C SER B 187 11.55 42.15 25.55
N ALA B 188 12.52 43.03 25.80
CA ALA B 188 12.65 43.63 27.13
C ALA B 188 11.40 44.44 27.47
N TYR B 189 10.91 45.19 26.49
CA TYR B 189 9.71 46.02 26.67
C TYR B 189 8.47 45.15 26.98
N ILE B 190 8.31 44.04 26.26
CA ILE B 190 7.18 43.17 26.54
C ILE B 190 7.25 42.53 27.94
N ALA B 191 8.43 42.10 28.37
CA ALA B 191 8.59 41.53 29.69
C ALA B 191 8.29 42.61 30.75
N TRP B 192 8.75 43.81 30.48
CA TRP B 192 8.49 44.92 31.37
C TRP B 192 6.99 45.15 31.58
N LYS B 193 6.22 45.03 30.50
CA LYS B 193 4.79 45.32 30.54
C LYS B 193 3.93 44.16 31.06
N PHE B 194 4.38 42.93 30.87
CA PHE B 194 3.56 41.75 31.13
C PHE B 194 4.11 40.76 32.18
N ASP B 195 5.24 41.07 32.82
CA ASP B 195 5.86 40.10 33.73
C ASP B 195 4.91 39.57 34.83
N ASP B 196 3.98 40.40 35.26
CA ASP B 196 3.06 40.02 36.34
C ASP B 196 2.14 38.87 35.94
N LEU B 197 2.00 38.66 34.64
CA LEU B 197 1.13 37.60 34.11
C LEU B 197 1.88 36.38 33.62
N VAL B 198 3.13 36.57 33.22
CA VAL B 198 3.92 35.50 32.58
C VAL B 198 4.57 34.57 33.60
N ASP B 199 4.58 33.28 33.30
CA ASP B 199 5.28 32.31 34.14
C ASP B 199 6.67 32.01 33.62
N GLU B 200 6.79 31.78 32.31
CA GLU B 200 8.10 31.61 31.69
C GLU B 200 8.08 32.28 30.31
N TYR B 201 9.25 32.66 29.79
CA TYR B 201 9.37 33.25 28.46
C TYR B 201 10.13 32.37 27.47
N SER B 202 9.77 32.50 26.19
CA SER B 202 10.59 32.06 25.07
C SER B 202 10.90 33.29 24.21
N THR B 203 12.13 33.40 23.73
CA THR B 203 12.46 34.50 22.85
C THR B 203 11.78 34.29 21.50
N MET B 204 11.93 33.10 20.95
CA MET B 204 11.45 32.85 19.60
C MET B 204 11.04 31.41 19.35
N ASN B 205 10.37 31.26 18.22
CA ASN B 205 9.83 29.99 17.76
C ASN B 205 10.46 29.60 16.43
N GLU B 206 11.18 28.49 16.45
CA GLU B 206 11.72 27.88 15.21
C GLU B 206 12.57 28.86 14.38
N PRO B 207 13.60 29.45 14.99
CA PRO B 207 14.47 30.36 14.22
C PRO B 207 15.14 29.63 13.04
N ASN B 208 15.33 28.31 13.14
CA ASN B 208 15.95 27.55 12.08
C ASN B 208 15.11 27.52 10.79
N VAL B 209 13.80 27.53 10.95
CA VAL B 209 12.91 27.57 9.82
C VAL B 209 13.01 28.94 9.13
N VAL B 210 13.21 30.00 9.91
CA VAL B 210 13.26 31.35 9.34
C VAL B 210 14.41 31.47 8.36
N GLY B 211 15.59 31.00 8.77
CA GLY B 211 16.76 30.99 7.90
C GLY B 211 16.75 29.91 6.84
N GLY B 212 16.31 28.71 7.22
CA GLY B 212 16.29 27.58 6.32
C GLY B 212 15.30 27.74 5.18
N LEU B 213 14.05 28.00 5.52
CA LEU B 213 13.03 28.14 4.47
C LEU B 213 13.05 29.52 3.78
N GLY B 214 13.42 30.57 4.49
CA GLY B 214 13.37 31.90 3.94
C GLY B 214 14.39 32.06 2.82
N TYR B 215 15.53 31.41 2.95
CA TYR B 215 16.67 31.68 2.06
C TYR B 215 17.22 30.46 1.36
N VAL B 216 16.70 29.25 1.65
CA VAL B 216 17.15 28.07 0.94
C VAL B 216 15.95 27.28 0.43
N GLY B 217 15.04 26.89 1.33
CA GLY B 217 13.85 26.14 0.93
C GLY B 217 12.78 27.02 0.33
N VAL B 218 13.14 27.71 -0.75
CA VAL B 218 12.31 28.81 -1.25
C VAL B 218 11.01 28.37 -1.95
N LYS B 219 10.89 27.11 -2.32
CA LYS B 219 9.61 26.65 -2.85
C LYS B 219 8.52 26.56 -1.75
N SER B 220 8.92 26.61 -0.48
CA SER B 220 7.98 26.51 0.63
C SER B 220 7.03 27.71 0.78
N GLY B 221 7.36 28.86 0.19
CA GLY B 221 6.56 30.07 0.37
C GLY B 221 6.77 30.83 1.68
N PHE B 222 7.94 30.64 2.27
CA PHE B 222 8.33 31.37 3.48
C PHE B 222 9.08 32.64 3.06
N PRO B 223 8.67 33.81 3.55
CA PRO B 223 9.33 35.07 3.13
C PRO B 223 10.81 35.13 3.57
N PRO B 224 11.67 35.77 2.77
CA PRO B 224 11.38 36.53 1.55
C PRO B 224 11.57 35.71 0.28
N GLY B 225 11.81 34.40 0.43
CA GLY B 225 12.00 33.51 -0.69
C GLY B 225 13.13 33.94 -1.62
N TYR B 226 14.26 34.35 -1.03
CA TYR B 226 15.43 34.73 -1.82
C TYR B 226 16.50 33.66 -1.65
N LEU B 227 16.82 32.94 -2.73
CA LEU B 227 17.73 31.80 -2.66
C LEU B 227 19.21 32.19 -2.53
N SER B 228 19.77 31.94 -1.36
CA SER B 228 21.16 32.27 -1.08
C SER B 228 21.68 31.56 0.16
N PHE B 229 22.63 30.65 -0.02
CA PHE B 229 23.30 30.01 1.10
C PHE B 229 23.94 31.09 1.98
N GLU B 230 24.62 32.04 1.35
CA GLU B 230 25.31 33.11 2.08
C GLU B 230 24.36 33.91 2.99
N LEU B 231 23.21 34.29 2.45
CA LEU B 231 22.27 35.10 3.22
C LEU B 231 21.53 34.27 4.27
N SER B 232 21.34 32.97 4.02
CA SER B 232 20.77 32.07 5.02
CA SER B 232 20.75 32.11 5.04
C SER B 232 21.66 32.09 6.27
N ARG B 233 22.98 32.04 6.05
CA ARG B 233 23.94 32.01 7.13
C ARG B 233 23.97 33.35 7.89
N ARG B 234 23.88 34.44 7.15
CA ARG B 234 23.83 35.76 7.77
C ARG B 234 22.55 35.93 8.59
N ALA B 235 21.42 35.46 8.04
CA ALA B 235 20.17 35.51 8.79
C ALA B 235 20.27 34.71 10.09
N MET B 236 20.87 33.53 10.03
CA MET B 236 20.99 32.70 11.24
C MET B 236 21.99 33.27 12.26
N TYR B 237 23.08 33.86 11.78
CA TYR B 237 24.01 34.53 12.67
C TYR B 237 23.30 35.66 13.41
N ASN B 238 22.53 36.47 12.70
CA ASN B 238 21.81 37.56 13.34
C ASN B 238 20.73 37.09 14.30
N ILE B 239 20.02 36.03 13.94
CA ILE B 239 18.96 35.55 14.81
C ILE B 239 19.56 34.95 16.10
N ILE B 240 20.73 34.33 16.01
CA ILE B 240 21.42 33.84 17.20
C ILE B 240 21.77 34.97 18.16
N GLN B 241 22.37 36.03 17.63
CA GLN B 241 22.74 37.11 18.52
C GLN B 241 21.47 37.85 18.98
N ALA B 242 20.43 37.86 18.15
CA ALA B 242 19.17 38.45 18.58
C ALA B 242 18.58 37.70 19.77
N HIS B 243 18.66 36.36 19.75
CA HIS B 243 18.24 35.59 20.90
C HIS B 243 19.01 35.97 22.16
N ALA B 244 20.33 36.07 22.05
CA ALA B 244 21.19 36.42 23.19
C ALA B 244 20.89 37.80 23.76
N ARG B 245 20.68 38.79 22.89
CA ARG B 245 20.40 40.15 23.34
C ARG B 245 18.99 40.24 23.93
N ALA B 246 18.06 39.43 23.42
CA ALA B 246 16.70 39.40 23.98
C ALA B 246 16.66 38.72 25.36
N TYR B 247 17.44 37.66 25.51
CA TYR B 247 17.56 36.99 26.79
C TYR B 247 18.08 38.00 27.82
N ASP B 248 19.15 38.69 27.47
CA ASP B 248 19.73 39.68 28.39
C ASP B 248 18.75 40.82 28.69
N GLY B 249 18.01 41.24 27.66
CA GLY B 249 17.00 42.27 27.80
C GLY B 249 15.88 41.86 28.76
N ILE B 250 15.34 40.66 28.59
CA ILE B 250 14.30 40.16 29.48
C ILE B 250 14.83 40.06 30.92
N LYS B 251 16.03 39.50 31.06
CA LYS B 251 16.63 39.35 32.39
C LYS B 251 16.94 40.68 33.06
N SER B 252 16.99 41.77 32.28
CA SER B 252 17.20 43.08 32.90
C SER B 252 15.94 43.57 33.63
N VAL B 253 14.79 43.02 33.27
CA VAL B 253 13.53 43.43 33.89
C VAL B 253 12.77 42.28 34.58
N SER B 254 13.24 41.05 34.44
CA SER B 254 12.53 39.91 34.99
C SER B 254 13.51 38.86 35.50
N LYS B 255 13.10 38.11 36.53
CA LYS B 255 13.90 36.98 37.02
C LYS B 255 13.36 35.63 36.57
N LYS B 256 12.38 35.65 35.68
CA LYS B 256 11.74 34.40 35.26
C LYS B 256 12.53 33.66 34.18
N PRO B 257 12.26 32.37 34.01
CA PRO B 257 13.03 31.56 33.06
C PRO B 257 12.83 32.06 31.64
N VAL B 258 13.93 32.09 30.89
CA VAL B 258 13.88 32.44 29.48
C VAL B 258 14.50 31.33 28.64
N GLY B 259 13.73 30.84 27.68
CA GLY B 259 14.19 29.74 26.83
C GLY B 259 14.03 30.08 25.37
N ILE B 260 13.99 29.05 24.53
CA ILE B 260 13.78 29.21 23.11
C ILE B 260 13.04 27.95 22.58
N ILE B 261 12.32 28.09 21.48
CA ILE B 261 11.57 27.00 20.88
C ILE B 261 12.12 26.72 19.49
N TYR B 262 12.37 25.46 19.21
CA TYR B 262 13.12 25.07 18.02
C TYR B 262 12.37 24.02 17.21
N ALA B 263 12.54 24.03 15.89
CA ALA B 263 11.95 22.99 15.01
C ALA B 263 12.89 21.78 14.95
N ASN B 264 12.42 20.66 15.48
CA ASN B 264 13.23 19.45 15.59
C ASN B 264 12.74 18.34 14.71
N SER B 265 13.68 17.53 14.27
CA SER B 265 13.39 16.24 13.67
C SER B 265 14.24 15.17 14.37
N SER B 266 13.76 13.94 14.34
CA SER B 266 14.58 12.83 14.79
C SER B 266 15.27 12.23 13.57
N PHE B 267 16.60 12.33 13.53
CA PHE B 267 17.38 11.83 12.40
C PHE B 267 17.64 10.33 12.57
N GLN B 268 17.21 9.56 11.57
CA GLN B 268 17.20 8.11 11.67
C GLN B 268 18.01 7.56 10.51
N PRO B 269 18.79 6.50 10.77
CA PRO B 269 19.69 5.93 9.76
C PRO B 269 18.90 5.08 8.77
N LEU B 270 19.16 5.22 7.49
CA LEU B 270 18.53 4.35 6.51
C LEU B 270 18.94 2.89 6.75
N THR B 271 20.23 2.67 7.00
CA THR B 271 20.77 1.34 7.26
C THR B 271 21.68 1.37 8.48
N ASP B 272 22.08 0.18 8.94
CA ASP B 272 22.93 0.10 10.14
C ASP B 272 24.31 0.73 9.91
N LYS B 273 24.62 1.08 8.67
CA LYS B 273 25.91 1.69 8.38
C LYS B 273 25.84 3.23 8.27
N ASP B 274 24.69 3.81 8.62
CA ASP B 274 24.50 5.24 8.46
C ASP B 274 24.47 6.01 9.78
N MET B 275 25.02 5.44 10.85
CA MET B 275 24.97 6.14 12.15
C MET B 275 25.77 7.44 12.12
N GLU B 276 26.86 7.46 11.37
CA GLU B 276 27.68 8.66 11.28
C GLU B 276 26.93 9.75 10.52
N ALA B 277 26.13 9.33 9.55
CA ALA B 277 25.28 10.25 8.81
C ALA B 277 24.30 10.90 9.77
N VAL B 278 23.81 10.14 10.74
CA VAL B 278 22.87 10.67 11.73
C VAL B 278 23.55 11.74 12.59
N GLU B 279 24.76 11.44 13.06
CA GLU B 279 25.52 12.39 13.86
C GLU B 279 25.79 13.70 13.12
N MET B 280 26.16 13.61 11.85
CA MET B 280 26.41 14.80 11.04
C MET B 280 25.14 15.63 10.86
N ALA B 281 24.01 14.97 10.64
CA ALA B 281 22.75 15.68 10.49
C ALA B 281 22.33 16.37 11.79
N GLU B 282 22.60 15.71 12.91
CA GLU B 282 22.31 16.32 14.21
C GLU B 282 23.17 17.54 14.45
N ASN B 283 24.45 17.44 14.09
CA ASN B 283 25.39 18.56 14.20
C ASN B 283 24.92 19.75 13.36
N ASP B 284 24.56 19.46 12.11
CA ASP B 284 24.23 20.49 11.13
C ASP B 284 22.82 21.08 11.28
N ASN B 285 21.93 20.40 12.01
CA ASN B 285 20.58 20.90 12.16
C ASN B 285 20.24 21.39 13.54
N ARG B 286 20.94 20.89 14.55
CA ARG B 286 20.55 21.09 15.94
C ARG B 286 21.70 21.60 16.82
N TRP B 287 22.78 20.83 16.91
CA TRP B 287 23.87 21.19 17.83
C TRP B 287 24.59 22.51 17.49
N TRP B 288 24.78 22.84 16.21
CA TRP B 288 25.50 24.07 15.88
C TRP B 288 24.81 25.28 16.53
N PHE B 289 23.49 25.29 16.50
CA PHE B 289 22.69 26.40 17.00
C PHE B 289 22.71 26.47 18.53
N PHE B 290 22.41 25.36 19.20
CA PHE B 290 22.42 25.33 20.65
C PHE B 290 23.83 25.46 21.26
N ASP B 291 24.85 24.94 20.61
CA ASP B 291 26.21 25.12 21.13
C ASP B 291 26.54 26.61 21.11
N ALA B 292 25.98 27.33 20.15
CA ALA B 292 26.19 28.76 20.04
C ALA B 292 25.54 29.53 21.18
N ILE B 293 24.25 29.26 21.46
CA ILE B 293 23.57 30.04 22.51
C ILE B 293 23.74 29.52 23.93
N ILE B 294 24.27 28.30 24.06
CA ILE B 294 24.53 27.74 25.36
C ILE B 294 26.01 27.79 25.71
N ARG B 295 26.85 27.36 24.76
CA ARG B 295 28.30 27.28 25.01
C ARG B 295 29.07 28.45 24.38
N GLY B 296 28.35 29.32 23.68
CA GLY B 296 28.98 30.46 23.02
C GLY B 296 29.82 30.10 21.82
N GLU B 297 29.75 28.87 21.34
CA GLU B 297 30.62 28.44 20.24
C GLU B 297 30.03 28.81 18.90
N ILE B 298 30.79 29.57 18.12
CA ILE B 298 30.29 30.00 16.83
C ILE B 298 31.43 30.17 15.85
N THR B 299 31.12 30.07 14.56
CA THR B 299 32.11 30.33 13.51
C THR B 299 31.99 31.77 13.02
N LYS B 304 36.28 29.74 13.95
CA LYS B 304 35.77 28.97 15.08
C LYS B 304 36.19 29.59 16.42
N ILE B 305 35.27 30.29 17.07
CA ILE B 305 35.58 31.04 18.29
C ILE B 305 34.54 30.82 19.41
N VAL B 306 34.80 31.41 20.58
CA VAL B 306 33.83 31.47 21.66
C VAL B 306 33.49 32.92 22.00
N ARG B 307 32.20 33.26 21.92
CA ARG B 307 31.72 34.59 22.24
C ARG B 307 31.12 34.61 23.64
N ASP B 308 31.75 35.36 24.54
CA ASP B 308 31.32 35.45 25.93
C ASP B 308 29.93 36.05 26.08
N ASP B 309 29.50 36.85 25.09
CA ASP B 309 28.19 37.49 25.15
C ASP B 309 27.08 36.57 24.66
N LEU B 310 27.46 35.40 24.12
CA LEU B 310 26.50 34.39 23.69
C LEU B 310 26.37 33.26 24.70
N LYS B 311 27.45 32.97 25.41
CA LYS B 311 27.48 31.85 26.36
C LYS B 311 26.42 31.96 27.46
N GLY B 312 25.73 30.87 27.74
CA GLY B 312 24.83 30.75 28.87
C GLY B 312 23.49 31.45 28.76
N ARG B 313 23.11 31.85 27.56
CA ARG B 313 21.87 32.58 27.35
C ARG B 313 20.70 31.62 27.08
N LEU B 314 20.44 30.70 27.99
CA LEU B 314 19.28 29.79 27.84
C LEU B 314 18.99 29.09 29.17
N ASP B 315 17.72 29.06 29.57
CA ASP B 315 17.32 28.38 30.80
C ASP B 315 16.57 27.08 30.53
N TRP B 316 15.91 27.01 29.38
CA TRP B 316 15.13 25.81 29.02
C TRP B 316 14.96 25.70 27.49
N ILE B 317 14.59 24.51 27.01
CA ILE B 317 14.48 24.23 25.59
C ILE B 317 13.08 23.77 25.26
N GLY B 318 12.47 24.39 24.25
CA GLY B 318 11.16 23.98 23.77
C GLY B 318 11.30 23.13 22.52
N VAL B 319 10.85 21.89 22.63
CA VAL B 319 10.92 20.93 21.52
C VAL B 319 9.62 20.95 20.72
N ASN B 320 9.76 21.27 19.43
CA ASN B 320 8.68 21.14 18.46
C ASN B 320 9.01 19.94 17.58
N TYR B 321 8.17 18.92 17.66
CA TYR B 321 8.46 17.66 17.00
C TYR B 321 7.21 17.16 16.26
N TYR B 322 7.38 16.78 14.99
CA TYR B 322 6.28 16.24 14.20
C TYR B 322 6.59 14.86 13.59
N THR B 323 7.79 14.66 13.07
CA THR B 323 8.16 13.41 12.44
C THR B 323 9.68 13.31 12.34
N ARG B 324 10.16 12.23 11.73
CA ARG B 324 11.58 11.96 11.60
C ARG B 324 12.13 12.48 10.28
N THR B 325 13.44 12.32 10.12
CA THR B 325 14.11 12.46 8.84
C THR B 325 15.05 11.28 8.70
N VAL B 326 14.94 10.56 7.60
CA VAL B 326 15.84 9.43 7.35
C VAL B 326 17.02 9.95 6.52
N VAL B 327 18.24 9.59 6.93
CA VAL B 327 19.42 10.01 6.19
C VAL B 327 20.34 8.84 5.88
N LYS B 328 21.13 8.99 4.83
CA LYS B 328 22.17 8.01 4.54
C LYS B 328 23.50 8.70 4.31
N ARG B 329 24.59 7.96 4.48
CA ARG B 329 25.91 8.53 4.24
C ARG B 329 26.12 8.67 2.75
N THR B 330 26.87 9.69 2.36
CA THR B 330 27.28 9.82 0.96
C THR B 330 28.79 10.00 0.96
N GLU B 331 29.37 10.16 -0.23
CA GLU B 331 30.81 10.41 -0.33
C GLU B 331 31.19 11.67 0.45
N LYS B 332 30.44 12.75 0.24
CA LYS B 332 30.80 14.06 0.76
C LYS B 332 30.11 14.42 2.09
N GLY B 333 29.25 13.54 2.59
CA GLY B 333 28.59 13.78 3.86
C GLY B 333 27.35 12.91 4.04
N TYR B 334 26.17 13.52 3.98
CA TYR B 334 24.93 12.75 4.07
C TYR B 334 23.83 13.39 3.24
N VAL B 335 22.73 12.67 3.05
CA VAL B 335 21.57 13.24 2.40
C VAL B 335 20.33 12.68 3.06
N SER B 336 19.24 13.45 3.07
CA SER B 336 17.96 12.95 3.59
C SER B 336 17.18 12.34 2.44
N LEU B 337 16.31 11.39 2.77
CA LEU B 337 15.61 10.61 1.76
CA LEU B 337 15.60 10.59 1.78
C LEU B 337 14.12 10.95 1.68
N GLY B 338 13.62 11.07 0.46
CA GLY B 338 12.21 11.29 0.25
C GLY B 338 11.53 9.96 0.51
N GLY B 339 10.22 10.01 0.72
CA GLY B 339 9.46 8.83 1.07
C GLY B 339 9.48 8.47 2.53
N TYR B 340 10.12 9.28 3.37
CA TYR B 340 10.08 9.13 4.82
C TYR B 340 9.88 10.49 5.43
N GLY B 341 9.54 10.52 6.71
CA GLY B 341 9.55 11.75 7.47
C GLY B 341 8.61 12.78 6.91
N HIS B 342 9.16 13.97 6.66
CA HIS B 342 8.30 15.03 6.15
CA HIS B 342 8.44 15.13 6.15
C HIS B 342 8.26 15.07 4.62
N GLY B 343 8.89 14.10 3.95
CA GLY B 343 8.91 14.04 2.50
C GLY B 343 8.10 12.90 1.87
N CYS B 344 6.90 12.67 2.41
CA CYS B 344 6.04 11.60 1.89
C CYS B 344 4.88 12.17 1.10
N GLU B 345 4.19 11.31 0.39
CA GLU B 345 2.94 11.71 -0.23
C GLU B 345 1.89 11.96 0.85
N ARG B 346 0.93 12.84 0.57
CA ARG B 346 -0.16 13.11 1.51
C ARG B 346 -1.11 11.91 1.55
N ASN B 347 -1.62 11.60 2.74
CA ASN B 347 -2.66 10.58 2.93
C ASN B 347 -2.30 9.31 2.22
N SER B 348 -1.15 8.77 2.64
CA SER B 348 -0.61 7.59 2.02
C SER B 348 0.19 6.82 3.07
N VAL B 349 1.19 6.07 2.60
CA VAL B 349 2.14 5.39 3.47
C VAL B 349 3.54 5.74 3.01
N SER B 350 4.47 5.79 3.95
CA SER B 350 5.87 6.05 3.64
C SER B 350 6.49 4.76 3.11
N LEU B 351 7.75 4.86 2.71
CA LEU B 351 8.49 3.69 2.25
C LEU B 351 8.69 2.64 3.35
N ALA B 352 8.44 3.02 4.59
CA ALA B 352 8.53 2.10 5.70
C ALA B 352 7.17 1.49 6.07
N GLY B 353 6.13 1.85 5.33
CA GLY B 353 4.79 1.31 5.58
C GLY B 353 4.01 1.99 6.68
N LEU B 354 4.48 3.17 7.07
CA LEU B 354 3.84 3.95 8.11
C LEU B 354 2.90 5.00 7.50
N PRO B 355 1.76 5.25 8.15
CA PRO B 355 0.79 6.17 7.57
C PRO B 355 1.26 7.63 7.61
N THR B 356 0.82 8.38 6.60
CA THR B 356 1.19 9.79 6.47
C THR B 356 -0.04 10.67 6.64
N SER B 357 0.20 11.90 7.08
CA SER B 357 -0.85 12.83 7.39
C SER B 357 -1.40 13.55 6.17
N ASP B 358 -2.32 14.49 6.40
CA ASP B 358 -2.86 15.29 5.30
C ASP B 358 -1.73 16.14 4.70
N PHE B 359 -0.63 16.30 5.43
CA PHE B 359 0.53 17.15 5.02
C PHE B 359 1.65 16.28 4.43
N GLY B 360 1.47 14.97 4.46
CA GLY B 360 2.51 14.06 3.97
C GLY B 360 3.64 13.78 4.96
N TRP B 361 3.33 13.89 6.25
CA TRP B 361 4.30 13.62 7.32
C TRP B 361 4.05 12.27 7.97
N GLU B 362 5.15 11.53 8.12
CA GLU B 362 5.11 10.13 8.58
C GLU B 362 4.86 10.00 10.08
N PHE B 363 4.08 9.00 10.44
CA PHE B 363 3.80 8.69 11.85
C PHE B 363 5.07 8.08 12.47
N PHE B 364 5.71 8.79 13.40
CA PHE B 364 6.95 8.27 14.00
C PHE B 364 7.17 8.77 15.42
N PRO B 365 6.31 8.35 16.35
CA PRO B 365 6.39 8.86 17.73
C PRO B 365 7.71 8.57 18.45
N GLU B 366 8.42 7.51 18.09
CA GLU B 366 9.66 7.19 18.81
C GLU B 366 10.69 8.31 18.65
N GLY B 367 10.60 9.07 17.56
CA GLY B 367 11.45 10.23 17.34
C GLY B 367 11.43 11.27 18.46
N LEU B 368 10.29 11.44 19.09
CA LEU B 368 10.16 12.37 20.22
C LEU B 368 11.01 11.93 21.41
N TYR B 369 11.02 10.63 21.69
CA TYR B 369 11.87 10.12 22.75
C TYR B 369 13.34 10.38 22.44
N ASP B 370 13.72 10.16 21.17
CA ASP B 370 15.09 10.41 20.69
C ASP B 370 15.51 11.86 20.93
N VAL B 371 14.68 12.80 20.47
CA VAL B 371 14.98 14.22 20.55
C VAL B 371 15.12 14.70 21.98
N LEU B 372 14.16 14.31 22.82
CA LEU B 372 14.18 14.74 24.23
C LEU B 372 15.42 14.23 24.96
N THR B 373 15.76 12.96 24.72
CA THR B 373 16.86 12.35 25.46
C THR B 373 18.22 12.85 24.93
N LYS B 374 18.31 13.12 23.64
CA LYS B 374 19.52 13.70 23.07
C LYS B 374 19.80 15.09 23.65
N TYR B 375 18.77 15.93 23.72
CA TYR B 375 18.93 17.26 24.30
C TYR B 375 19.38 17.16 25.75
N TRP B 376 18.71 16.27 26.50
CA TRP B 376 18.99 16.12 27.94
C TRP B 376 20.43 15.69 28.17
N ASN B 377 20.89 14.68 27.43
CA ASN B 377 22.22 14.15 27.66
CA ASN B 377 22.23 14.12 27.57
C ASN B 377 23.31 15.15 27.25
N ARG B 378 23.04 16.02 26.29
CA ARG B 378 24.03 17.00 25.89
C ARG B 378 24.08 18.22 26.81
N TYR B 379 22.92 18.78 27.17
CA TYR B 379 22.91 20.09 27.87
C TYR B 379 22.34 20.06 29.28
N HIS B 380 21.57 19.01 29.59
CA HIS B 380 20.88 18.90 30.87
C HIS B 380 20.14 20.17 31.25
N LEU B 381 19.44 20.74 30.28
CA LEU B 381 18.49 21.82 30.54
C LEU B 381 17.08 21.25 30.44
N TYR B 382 16.20 21.65 31.36
CA TYR B 382 14.82 21.17 31.28
C TYR B 382 14.08 21.62 30.02
N MET B 383 13.02 20.87 29.70
CA MET B 383 12.35 21.00 28.42
C MET B 383 10.84 21.04 28.58
N TYR B 384 10.17 21.70 27.63
CA TYR B 384 8.77 21.45 27.35
C TYR B 384 8.66 20.91 25.94
N VAL B 385 7.70 20.03 25.68
CA VAL B 385 7.33 19.77 24.30
C VAL B 385 6.34 20.86 23.95
N THR B 386 6.82 21.82 23.18
CA THR B 386 6.07 23.02 22.91
C THR B 386 5.20 22.91 21.66
N GLU B 387 5.50 21.94 20.79
CA GLU B 387 4.61 21.60 19.68
C GLU B 387 4.70 20.14 19.36
N ASN B 388 3.52 19.56 19.11
CA ASN B 388 3.39 18.20 18.57
C ASN B 388 1.96 18.06 18.10
N GLY B 389 1.76 17.58 16.87
CA GLY B 389 0.42 17.48 16.31
C GLY B 389 0.42 16.95 14.89
N ILE B 390 -0.76 16.93 14.28
CA ILE B 390 -0.92 16.29 12.96
C ILE B 390 -2.02 16.97 12.14
N ALA B 391 -1.77 17.10 10.83
CA ALA B 391 -2.75 17.66 9.92
C ALA B 391 -3.70 16.54 9.60
N ASP B 392 -4.93 16.65 10.12
CA ASP B 392 -5.88 15.55 10.07
C ASP B 392 -7.30 16.08 10.33
N ASP B 393 -7.90 16.58 9.25
CA ASP B 393 -9.23 17.15 9.37
C ASP B 393 -10.22 16.08 9.82
N ALA B 394 -10.06 14.88 9.29
CA ALA B 394 -11.01 13.80 9.56
C ALA B 394 -10.91 13.24 10.97
N ASP B 395 -9.76 13.41 11.61
CA ASP B 395 -9.46 12.87 12.95
C ASP B 395 -9.21 11.38 12.97
N TYR B 396 -8.83 10.81 11.83
CA TYR B 396 -8.62 9.37 11.78
C TYR B 396 -7.39 8.98 12.60
N GLN B 397 -6.29 9.73 12.42
CA GLN B 397 -5.01 9.36 13.02
C GLN B 397 -4.71 10.06 14.35
N ARG B 398 -5.27 11.25 14.53
CA ARG B 398 -4.91 12.05 15.69
C ARG B 398 -5.05 11.32 17.06
N PRO B 399 -6.11 10.51 17.26
CA PRO B 399 -6.10 9.88 18.59
C PRO B 399 -4.86 9.01 18.87
N TYR B 400 -4.39 8.28 17.86
CA TYR B 400 -3.19 7.47 18.00
C TYR B 400 -1.95 8.35 18.10
N TYR B 401 -1.94 9.41 17.28
CA TYR B 401 -0.81 10.37 17.26
C TYR B 401 -0.65 11.00 18.63
N LEU B 402 -1.76 11.48 19.19
CA LEU B 402 -1.73 12.09 20.52
C LEU B 402 -1.22 11.13 21.58
N VAL B 403 -1.87 9.97 21.71
CA VAL B 403 -1.55 9.06 22.81
C VAL B 403 -0.11 8.50 22.68
N SER B 404 0.29 8.18 21.47
CA SER B 404 1.62 7.60 21.22
CA SER B 404 1.60 7.58 21.28
C SER B 404 2.73 8.57 21.56
N HIS B 405 2.57 9.83 21.16
CA HIS B 405 3.60 10.84 21.44
C HIS B 405 3.65 11.17 22.92
N VAL B 406 2.49 11.25 23.56
CA VAL B 406 2.46 11.45 25.01
C VAL B 406 3.14 10.30 25.74
N TYR B 407 2.96 9.06 25.26
CA TYR B 407 3.63 7.91 25.85
C TYR B 407 5.15 8.02 25.74
N GLN B 408 5.64 8.52 24.60
CA GLN B 408 7.06 8.71 24.43
C GLN B 408 7.63 9.79 25.38
N VAL B 409 6.84 10.79 25.73
CA VAL B 409 7.28 11.78 26.72
C VAL B 409 7.44 11.10 28.07
N HIS B 410 6.47 10.24 28.40
CA HIS B 410 6.51 9.42 29.63
C HIS B 410 7.78 8.58 29.70
N ARG B 411 8.12 7.94 28.59
CA ARG B 411 9.37 7.18 28.47
C ARG B 411 10.62 8.05 28.65
N ALA B 412 10.58 9.26 28.09
CA ALA B 412 11.70 10.18 28.24
C ALA B 412 11.90 10.54 29.72
N ILE B 413 10.81 10.83 30.42
CA ILE B 413 10.89 11.15 31.84
C ILE B 413 11.44 9.97 32.64
N ASN B 414 10.95 8.77 32.36
CA ASN B 414 11.45 7.60 33.04
C ASN B 414 12.94 7.40 32.84
N SER B 415 13.47 7.82 31.69
CA SER B 415 14.90 7.72 31.40
CA SER B 415 14.89 7.69 31.43
C SER B 415 15.72 8.77 32.13
N GLY B 416 15.05 9.75 32.74
CA GLY B 416 15.70 10.77 33.53
C GLY B 416 15.63 12.18 32.95
N ALA B 417 15.07 12.34 31.76
CA ALA B 417 14.99 13.68 31.16
C ALA B 417 13.96 14.53 31.90
N ASP B 418 14.35 15.75 32.25
CA ASP B 418 13.48 16.72 32.90
C ASP B 418 12.53 17.40 31.90
N VAL B 419 11.36 16.82 31.69
CA VAL B 419 10.38 17.38 30.77
C VAL B 419 9.14 17.76 31.57
N ARG B 420 8.71 19.01 31.46
CA ARG B 420 7.76 19.57 32.42
C ARG B 420 6.38 19.81 31.87
N GLY B 421 6.19 19.56 30.58
CA GLY B 421 4.88 19.70 30.01
C GLY B 421 4.80 19.27 28.55
N TYR B 422 3.59 19.06 28.09
CA TYR B 422 3.32 18.68 26.72
C TYR B 422 2.27 19.61 26.16
N LEU B 423 2.63 20.36 25.13
CA LEU B 423 1.73 21.33 24.50
C LEU B 423 1.42 20.91 23.05
N HIS B 424 0.18 20.48 22.83
CA HIS B 424 -0.26 20.07 21.51
C HIS B 424 -0.40 21.25 20.55
N TRP B 425 0.01 21.03 19.30
CA TRP B 425 -0.29 21.95 18.20
C TRP B 425 -1.46 21.38 17.40
N SER B 426 -2.67 21.93 17.54
CA SER B 426 -2.99 23.08 18.40
C SER B 426 -4.41 22.88 18.99
N LEU B 427 -4.86 23.84 19.80
CA LEU B 427 -6.21 23.77 20.32
C LEU B 427 -7.24 23.72 19.21
N ALA B 428 -7.12 24.66 18.28
CA ALA B 428 -8.04 24.77 17.17
C ALA B 428 -7.28 24.89 15.86
N ASP B 429 -7.94 24.53 14.76
CA ASP B 429 -7.45 24.76 13.42
C ASP B 429 -7.03 26.22 13.25
N ASN B 430 -6.06 26.46 12.36
CA ASN B 430 -5.60 27.82 12.15
C ASN B 430 -4.97 28.00 10.76
N TYR B 431 -4.51 29.20 10.44
CA TYR B 431 -3.91 29.52 9.14
C TYR B 431 -2.49 28.94 9.06
N GLU B 432 -2.28 27.92 8.25
CA GLU B 432 -0.99 27.23 8.21
C GLU B 432 -0.10 27.85 7.12
N TRP B 433 0.19 29.13 7.30
CA TRP B 433 1.16 29.84 6.46
C TRP B 433 0.87 29.70 4.96
N ALA B 434 1.85 29.23 4.19
CA ALA B 434 1.68 29.12 2.75
C ALA B 434 0.61 28.09 2.31
N SER B 435 0.35 27.10 3.15
CA SER B 435 -0.71 26.14 2.91
C SER B 435 -2.13 26.65 3.21
N GLY B 436 -2.26 27.79 3.88
CA GLY B 436 -3.59 28.35 4.09
C GLY B 436 -4.36 27.54 5.11
N PHE B 437 -5.68 27.48 4.96
CA PHE B 437 -6.51 26.83 5.97
C PHE B 437 -6.68 25.32 5.78
N SER B 438 -6.21 24.79 4.65
CA SER B 438 -6.54 23.39 4.34
C SER B 438 -5.91 22.37 5.29
N MET B 439 -4.79 22.73 5.92
CA MET B 439 -4.13 21.82 6.85
C MET B 439 -4.66 22.09 8.25
N ARG B 440 -5.35 21.10 8.79
CA ARG B 440 -6.12 21.27 10.02
C ARG B 440 -5.48 20.49 11.17
N PHE B 441 -4.89 21.26 12.10
CA PHE B 441 -4.13 20.68 13.21
C PHE B 441 -4.88 20.69 14.54
N GLY B 442 -6.11 21.21 14.55
CA GLY B 442 -6.80 21.38 15.81
C GLY B 442 -7.33 20.11 16.49
N LEU B 443 -7.32 20.15 17.83
CA LEU B 443 -8.14 19.23 18.61
C LEU B 443 -9.58 19.64 18.34
N LEU B 444 -9.75 20.93 18.11
CA LEU B 444 -11.04 21.53 17.81
C LEU B 444 -11.09 21.91 16.33
N LYS B 445 -12.15 21.47 15.64
CA LYS B 445 -12.39 21.86 14.25
C LYS B 445 -13.06 23.23 14.16
N VAL B 446 -12.57 24.06 13.23
CA VAL B 446 -13.10 25.40 13.07
C VAL B 446 -13.96 25.48 11.84
N ASP B 447 -15.18 26.01 12.00
CA ASP B 447 -15.98 26.42 10.85
C ASP B 447 -15.61 27.85 10.58
N TYR B 448 -14.90 28.07 9.49
CA TYR B 448 -14.38 29.42 9.22
C TYR B 448 -15.46 30.37 8.77
N ASN B 449 -16.65 29.87 8.47
CA ASN B 449 -17.73 30.80 8.14
C ASN B 449 -18.38 31.40 9.39
N THR B 450 -18.58 30.57 10.42
CA THR B 450 -19.26 31.00 11.64
C THR B 450 -18.32 31.22 12.82
N LYS B 451 -17.10 30.74 12.65
CA LYS B 451 -16.07 30.77 13.69
C LYS B 451 -16.42 29.87 14.86
N ARG B 452 -17.40 28.97 14.68
CA ARG B 452 -17.71 27.97 15.69
C ARG B 452 -16.62 26.90 15.82
N LEU B 453 -16.46 26.39 17.04
CA LEU B 453 -15.48 25.36 17.35
C LEU B 453 -16.17 24.06 17.69
N TYR B 454 -15.66 22.97 17.15
CA TYR B 454 -16.23 21.65 17.37
C TYR B 454 -15.17 20.72 17.95
N TRP B 455 -15.60 19.86 18.87
CA TRP B 455 -14.68 18.89 19.45
C TRP B 455 -14.53 17.66 18.54
N ARG B 456 -13.37 17.51 17.93
CA ARG B 456 -13.02 16.24 17.31
C ARG B 456 -12.87 15.18 18.41
N PRO B 457 -13.11 13.89 18.10
CA PRO B 457 -12.97 12.91 19.18
C PRO B 457 -11.61 12.94 19.90
N SER B 458 -10.52 13.29 19.21
CA SER B 458 -9.22 13.44 19.83
CA SER B 458 -9.21 13.47 19.82
C SER B 458 -9.24 14.45 20.99
N ALA B 459 -10.13 15.43 20.93
CA ALA B 459 -10.24 16.41 22.03
C ALA B 459 -10.80 15.74 23.26
N LEU B 460 -11.74 14.82 23.07
CA LEU B 460 -12.27 14.03 24.19
C LEU B 460 -11.18 13.11 24.75
N VAL B 461 -10.37 12.54 23.87
CA VAL B 461 -9.24 11.72 24.30
C VAL B 461 -8.24 12.57 25.13
N TYR B 462 -7.95 13.77 24.65
CA TYR B 462 -7.01 14.64 25.38
C TYR B 462 -7.56 15.05 26.75
N ARG B 463 -8.86 15.32 26.82
CA ARG B 463 -9.49 15.59 28.11
C ARG B 463 -9.25 14.45 29.10
N GLU B 464 -9.39 13.21 28.64
CA GLU B 464 -9.16 12.04 29.49
CA GLU B 464 -9.16 12.07 29.51
C GLU B 464 -7.73 12.05 30.02
N ILE B 465 -6.77 12.36 29.15
CA ILE B 465 -5.36 12.42 29.54
C ILE B 465 -5.10 13.54 30.54
N ALA B 466 -5.54 14.74 30.21
CA ALA B 466 -5.22 15.92 31.00
C ALA B 466 -5.88 15.89 32.35
N THR B 467 -7.15 15.50 32.38
CA THR B 467 -7.89 15.50 33.66
C THR B 467 -7.40 14.40 34.58
N ASN B 468 -6.77 13.36 34.02
CA ASN B 468 -6.23 12.29 34.83
C ASN B 468 -4.72 12.40 35.06
N GLY B 469 -4.06 13.30 34.33
CA GLY B 469 -2.61 13.40 34.37
C GLY B 469 -1.95 12.10 33.99
N ALA B 470 -2.54 11.40 33.02
CA ALA B 470 -2.07 10.06 32.69
C ALA B 470 -2.74 9.55 31.42
N ILE B 471 -2.02 8.70 30.69
CA ILE B 471 -2.68 7.79 29.74
C ILE B 471 -3.37 6.71 30.59
N THR B 472 -4.69 6.78 30.67
CA THR B 472 -5.41 5.83 31.49
C THR B 472 -5.51 4.44 30.82
N ASP B 473 -5.81 3.44 31.63
CA ASP B 473 -5.92 2.07 31.13
C ASP B 473 -6.86 2.02 29.94
N GLU B 474 -7.96 2.76 30.01
CA GLU B 474 -9.01 2.68 29.00
C GLU B 474 -8.60 3.15 27.59
N ILE B 475 -7.54 3.95 27.50
CA ILE B 475 -7.16 4.50 26.19
C ILE B 475 -5.77 4.09 25.76
N GLU B 476 -5.17 3.16 26.49
CA GLU B 476 -3.83 2.67 26.21
C GLU B 476 -3.66 1.99 24.85
N HIS B 477 -4.75 1.48 24.27
CA HIS B 477 -4.67 0.85 22.95
C HIS B 477 -4.29 1.85 21.84
N LEU B 478 -4.44 3.13 22.12
CA LEU B 478 -4.13 4.17 21.16
C LEU B 478 -2.63 4.47 21.09
N ASN B 479 -1.86 3.84 21.98
CA ASN B 479 -0.41 3.89 21.91
C ASN B 479 0.03 2.87 20.87
N SER B 480 -0.28 3.19 19.61
CA SER B 480 -0.03 2.28 18.52
C SER B 480 -0.10 3.02 17.21
N VAL B 481 0.29 2.37 16.12
CA VAL B 481 0.24 2.98 14.80
C VAL B 481 -1.20 2.88 14.28
N PRO B 482 -1.76 3.98 13.72
CA PRO B 482 -3.10 3.88 13.11
C PRO B 482 -3.12 2.72 12.10
N PRO B 483 -4.12 1.84 12.19
CA PRO B 483 -4.16 0.75 11.20
C PRO B 483 -4.08 1.28 9.76
N VAL B 484 -3.18 0.70 8.98
CA VAL B 484 -2.94 1.20 7.64
CA VAL B 484 -2.91 1.19 7.64
C VAL B 484 -3.91 0.64 6.59
N LYS B 485 -4.36 -0.59 6.77
CA LYS B 485 -5.21 -1.18 5.73
C LYS B 485 -6.43 -0.32 5.38
N PRO B 486 -7.11 0.26 6.40
CA PRO B 486 -8.32 1.02 6.06
C PRO B 486 -8.07 2.42 5.52
N LEU B 487 -6.83 2.88 5.58
CA LEU B 487 -6.48 4.25 5.14
C LEU B 487 -6.03 4.24 3.67
N ARG B 488 -5.99 5.41 3.05
CA ARG B 488 -5.50 5.51 1.68
C ARG B 488 -4.03 5.13 1.60
N HIS B 489 -3.69 4.35 0.59
CA HIS B 489 -2.32 4.05 0.30
C HIS B 489 -2.26 3.61 -1.14
CL CL C . 0.58 -28.91 -7.00
CL CL D . -18.53 -7.73 -23.31
CL CL E . 8.92 -42.72 -10.91
N1 IND F . -17.64 -27.72 -13.39
C2 IND F . -18.28 -28.43 -14.31
C3 IND F . -19.33 -27.69 -14.83
C4 IND F . -20.10 -25.30 -14.22
C5 IND F . -19.83 -24.20 -13.41
C6 IND F . -18.77 -24.25 -12.50
C7 IND F . -17.95 -25.38 -12.43
C8 IND F . -18.22 -26.49 -13.24
C9 IND F . -19.32 -26.45 -14.15
C1 MPD G . -11.64 -20.74 -10.11
C2 MPD G . -12.47 -21.49 -11.15
O2 MPD G . -13.16 -20.52 -11.98
CM MPD G . -11.52 -22.28 -12.05
C3 MPD G . -13.44 -22.48 -10.49
C4 MPD G . -14.79 -21.94 -10.02
O4 MPD G . -15.37 -21.01 -10.91
C5 MPD G . -15.76 -23.08 -9.87
CL CL H . 16.66 18.77 15.26
CL CL I . 26.65 22.30 28.10
CL CL J . -14.57 25.81 7.25
N1 IND K . 6.65 33.46 7.86
C2 IND K . 6.42 34.64 8.42
C3 IND K . 5.26 35.19 7.91
C4 IND K . 3.64 34.27 6.14
C5 IND K . 3.42 33.18 5.31
C6 IND K . 4.31 32.11 5.30
C7 IND K . 5.43 32.09 6.12
C8 IND K . 5.67 33.18 6.96
C9 IND K . 4.76 34.27 6.98
C1 MPD L . 2.57 57.43 18.16
C2 MPD L . 1.86 56.54 17.14
O2 MPD L . 0.50 57.05 17.00
CM MPD L . 2.55 56.58 15.78
C3 MPD L . 1.81 55.12 17.68
C4 MPD L . 0.93 54.18 16.87
O4 MPD L . 1.76 53.65 15.85
C5 MPD L . 0.39 53.07 17.76
#